data_5EBK
#
_entry.id   5EBK
#
_cell.length_a   102.500
_cell.length_b   102.500
_cell.length_c   192.000
_cell.angle_alpha   90.00
_cell.angle_beta   90.00
_cell.angle_gamma   90.00
#
_symmetry.space_group_name_H-M   'P 41'
#
loop_
_entity.id
_entity.type
_entity.pdbx_description
1 polymer 'Trypanothione reductase'
2 non-polymer 'FLAVIN-ADENINE DINUCLEOTIDE'
3 non-polymer 6-sec-Butoxy-2-[(3-chlorophenyl)sulfanyl]-4-pyrimidinamine
4 non-polymer 'SULFATE ION'
#
_entity_poly.entity_id   1
_entity_poly.type   'polypeptide(L)'
_entity_poly.pdbx_seq_one_letter_code
;MGSSHHHHHHSSGLVPRGSHMSRAYDLVVLGAGSGGLEAGWNAAVTHKKKVAVVDVQATHGPPLFAALGGTCVNVGCVPK
KLMVTGAQYMDLIRESGGFGWEMDRESLCPNWKTLIAAKNKVVNSINESYKSMFADTEGLSFHMGFGALQDAHTVVVRKS
EDPHSDVLETLDTEYILIATGSWPTRLGVPGDEFCITSNEAFYLEDAPKRMLCVGGGYIAVEFAGIFNGYKPCGGYVDLC
YRGDLILRGFDTEVRKSLTKQLGANGIRVRTNLNPTKITKNEDGSNHVHFNDGTEEDYDQVMLAIGRVPRSQALQLDKAG
VRTGKNGAVQVDAYSKTSVDNIYAIGDVTNRVMLTPVAINEGAAFVETVFGGKPRATDHTKVACAVFSIPPIGTCGMTEE
EAAKNYETVAVYASSFTPLMHNISGSKHKEFMIRIITNESNGEVLGVHMLGDSAPEIIQSVGICMKMGAKISDFHSTIGV
HPTSAEELCSMRTPAYFYESGKRVEKLSSNL
;
_entity_poly.pdbx_strand_id   A,B
#
loop_
_chem_comp.id
_chem_comp.type
_chem_comp.name
_chem_comp.formula
FAD non-polymer 'FLAVIN-ADENINE DINUCLEOTIDE' 'C27 H33 N9 O15 P2'
RDS non-polymer 6-sec-Butoxy-2-[(3-chlorophenyl)sulfanyl]-4-pyrimidinamine 'C14 H16 Cl N3 O S'
SO4 non-polymer 'SULFATE ION' 'O4 S -2'
#
# COMPACT_ATOMS: atom_id res chain seq x y z
N MET A 21 -41.09 27.09 -12.12
CA MET A 21 -40.10 27.22 -13.24
C MET A 21 -40.77 27.22 -14.63
N SER A 22 -40.02 27.72 -15.63
CA SER A 22 -40.46 27.72 -17.05
C SER A 22 -40.48 26.31 -17.67
N ARG A 23 -39.74 25.37 -17.06
CA ARG A 23 -39.37 24.11 -17.69
C ARG A 23 -39.82 22.87 -16.88
N ALA A 24 -39.47 21.68 -17.37
CA ALA A 24 -39.86 20.41 -16.75
C ALA A 24 -38.85 19.95 -15.67
N TYR A 25 -37.69 19.44 -16.09
CA TYR A 25 -36.60 19.06 -15.16
C TYR A 25 -35.67 20.24 -14.96
N ASP A 26 -34.93 20.23 -13.86
CA ASP A 26 -33.85 21.18 -13.68
C ASP A 26 -32.65 20.77 -14.55
N LEU A 27 -32.11 19.57 -14.27
CA LEU A 27 -30.91 19.06 -14.92
C LEU A 27 -31.27 17.89 -15.81
N VAL A 28 -30.47 17.68 -16.85
CA VAL A 28 -30.40 16.41 -17.58
C VAL A 28 -28.92 16.06 -17.73
N VAL A 29 -28.62 14.77 -17.59
CA VAL A 29 -27.27 14.22 -17.71
C VAL A 29 -27.31 13.19 -18.84
N LEU A 30 -26.65 13.49 -19.97
CA LEU A 30 -26.42 12.46 -20.99
C LEU A 30 -25.29 11.60 -20.48
N GLY A 31 -25.57 10.31 -20.27
CA GLY A 31 -24.58 9.36 -19.78
C GLY A 31 -24.57 9.17 -18.27
N ALA A 32 -24.93 7.97 -17.84
CA ALA A 32 -24.91 7.60 -16.42
C ALA A 32 -23.50 7.15 -16.04
N GLY A 33 -22.59 8.13 -16.00
CA GLY A 33 -21.17 7.89 -15.82
C GLY A 33 -20.70 8.12 -14.40
N SER A 34 -19.48 7.66 -14.11
CA SER A 34 -18.78 7.98 -12.86
C SER A 34 -18.91 9.48 -12.57
N GLY A 35 -18.66 10.31 -13.58
CA GLY A 35 -18.92 11.75 -13.51
C GLY A 35 -20.40 12.10 -13.51
N GLY A 36 -21.14 11.52 -14.47
CA GLY A 36 -22.58 11.77 -14.60
C GLY A 36 -23.41 11.51 -13.34
N LEU A 37 -23.40 10.27 -12.85
CA LEU A 37 -24.16 9.90 -11.64
C LEU A 37 -23.84 10.84 -10.51
N GLU A 38 -22.56 10.96 -10.16
CA GLU A 38 -22.10 11.86 -9.09
C GLU A 38 -22.76 13.23 -9.17
N ALA A 39 -22.76 13.80 -10.37
CA ALA A 39 -23.40 15.08 -10.61
C ALA A 39 -24.90 14.96 -10.37
N GLY A 40 -25.53 14.07 -11.14
CA GLY A 40 -26.98 13.84 -11.06
C GLY A 40 -27.47 13.56 -9.65
N TRP A 41 -26.81 12.63 -8.95
CA TRP A 41 -27.08 12.36 -7.54
C TRP A 41 -26.98 13.64 -6.70
N ASN A 42 -25.83 14.30 -6.72
CA ASN A 42 -25.60 15.46 -5.83
C ASN A 42 -26.65 16.57 -6.01
N ALA A 43 -26.90 16.92 -7.27
CA ALA A 43 -27.94 17.89 -7.62
C ALA A 43 -29.34 17.50 -7.08
N ALA A 44 -29.66 16.22 -7.19
CA ALA A 44 -30.94 15.70 -6.74
C ALA A 44 -31.06 15.61 -5.22
N VAL A 45 -29.95 15.44 -4.51
CA VAL A 45 -29.99 15.11 -3.09
C VAL A 45 -29.61 16.31 -2.24
N THR A 46 -28.39 16.80 -2.44
CA THR A 46 -27.91 17.93 -1.65
C THR A 46 -28.61 19.23 -2.06
N HIS A 47 -29.08 19.33 -3.31
CA HIS A 47 -29.85 20.50 -3.77
C HIS A 47 -31.31 20.27 -4.19
N LYS A 48 -31.79 19.02 -4.11
CA LYS A 48 -33.20 18.69 -4.36
C LYS A 48 -33.71 19.09 -5.75
N LYS A 49 -32.82 19.20 -6.75
CA LYS A 49 -33.27 19.54 -8.10
C LYS A 49 -33.94 18.32 -8.74
N LYS A 50 -34.75 18.56 -9.76
CA LYS A 50 -35.34 17.46 -10.54
C LYS A 50 -34.35 17.11 -11.66
N VAL A 51 -33.88 15.86 -11.64
CA VAL A 51 -32.74 15.44 -12.44
C VAL A 51 -33.00 14.12 -13.13
N ALA A 52 -32.70 14.08 -14.41
CA ALA A 52 -32.87 12.91 -15.25
C ALA A 52 -31.50 12.48 -15.72
N VAL A 53 -31.30 11.17 -15.83
CA VAL A 53 -30.03 10.59 -16.24
C VAL A 53 -30.29 9.61 -17.38
N VAL A 54 -29.68 9.86 -18.53
CA VAL A 54 -29.90 9.01 -19.70
C VAL A 54 -28.70 8.09 -19.86
N ASP A 55 -28.95 6.82 -20.17
CA ASP A 55 -27.90 5.88 -20.56
C ASP A 55 -28.49 4.88 -21.54
N VAL A 56 -27.64 4.05 -22.10
CA VAL A 56 -28.07 3.19 -23.20
C VAL A 56 -28.52 1.81 -22.70
N GLN A 57 -28.06 1.41 -21.51
CA GLN A 57 -28.67 0.27 -20.80
C GLN A 57 -28.48 0.28 -19.28
N ALA A 58 -29.18 -0.64 -18.60
CA ALA A 58 -29.19 -0.71 -17.13
C ALA A 58 -28.18 -1.69 -16.58
N THR A 59 -28.06 -2.87 -17.20
CA THR A 59 -27.04 -3.86 -16.83
C THR A 59 -25.88 -3.88 -17.82
N HIS A 60 -24.72 -4.32 -17.34
CA HIS A 60 -23.50 -4.40 -18.16
C HIS A 60 -23.67 -5.36 -19.32
N GLY A 61 -22.72 -5.30 -20.25
CA GLY A 61 -22.53 -6.34 -21.29
C GLY A 61 -22.80 -5.88 -22.72
N PRO A 62 -22.46 -6.73 -23.71
CA PRO A 62 -22.68 -6.37 -25.11
C PRO A 62 -24.19 -6.30 -25.44
N PRO A 63 -24.60 -5.65 -26.53
CA PRO A 63 -23.71 -5.03 -27.54
C PRO A 63 -23.07 -3.68 -27.13
N LEU A 64 -23.65 -3.02 -26.12
CA LEU A 64 -23.33 -1.62 -25.79
C LEU A 64 -22.17 -1.47 -24.79
N PHE A 65 -21.96 -2.51 -23.97
CA PHE A 65 -20.87 -2.63 -22.97
C PHE A 65 -21.05 -1.69 -21.77
N ALA A 66 -20.94 -0.39 -22.05
CA ALA A 66 -21.21 0.65 -21.06
C ALA A 66 -22.66 0.59 -20.60
N ALA A 67 -22.90 0.89 -19.32
CA ALA A 67 -24.26 0.86 -18.76
C ALA A 67 -24.38 1.80 -17.55
N LEU A 68 -25.46 1.66 -16.79
CA LEU A 68 -25.64 2.35 -15.49
C LEU A 68 -24.35 2.22 -14.66
N GLY A 69 -23.78 3.35 -14.25
CA GLY A 69 -22.48 3.37 -13.53
C GLY A 69 -21.28 3.85 -14.32
N GLY A 70 -21.37 3.79 -15.66
CA GLY A 70 -20.34 4.34 -16.54
C GLY A 70 -19.44 3.29 -17.16
N THR A 71 -18.40 3.75 -17.83
CA THR A 71 -17.40 2.87 -18.42
C THR A 71 -16.56 2.25 -17.30
N CYS A 72 -16.34 2.98 -16.20
CA CYS A 72 -15.49 2.48 -15.09
C CYS A 72 -16.13 1.27 -14.41
N VAL A 73 -17.43 1.39 -14.10
CA VAL A 73 -18.15 0.35 -13.34
C VAL A 73 -18.35 -0.94 -14.14
N ASN A 74 -18.71 -0.81 -15.41
CA ASN A 74 -19.13 -1.95 -16.25
C ASN A 74 -18.02 -2.59 -17.09
N VAL A 75 -17.17 -1.75 -17.70
CA VAL A 75 -16.11 -2.25 -18.60
C VAL A 75 -14.80 -1.48 -18.38
N GLY A 76 -14.40 -1.37 -17.11
CA GLY A 76 -13.22 -0.61 -16.71
C GLY A 76 -12.78 -0.92 -15.29
N CYS A 77 -12.51 0.12 -14.49
CA CYS A 77 -11.84 -0.06 -13.19
C CYS A 77 -12.25 -1.27 -12.36
N VAL A 78 -13.55 -1.60 -12.33
CA VAL A 78 -14.04 -2.71 -11.49
C VAL A 78 -13.74 -4.11 -12.07
N PRO A 79 -14.30 -4.47 -13.25
CA PRO A 79 -13.99 -5.81 -13.79
C PRO A 79 -12.52 -6.02 -14.07
N LYS A 80 -11.86 -4.97 -14.54
CA LYS A 80 -10.45 -5.01 -14.85
C LYS A 80 -9.72 -5.41 -13.61
N LYS A 81 -9.85 -4.60 -12.57
CA LYS A 81 -9.14 -4.85 -11.32
C LYS A 81 -9.35 -6.28 -10.77
N LEU A 82 -10.57 -6.82 -10.91
CA LEU A 82 -10.84 -8.19 -10.44
C LEU A 82 -10.00 -9.22 -11.19
N MET A 83 -9.98 -9.10 -12.51
CA MET A 83 -9.17 -9.97 -13.36
C MET A 83 -7.67 -9.85 -13.03
N VAL A 84 -7.20 -8.62 -12.84
CA VAL A 84 -5.82 -8.37 -12.44
C VAL A 84 -5.49 -9.08 -11.12
N THR A 85 -6.43 -9.04 -10.17
CA THR A 85 -6.22 -9.69 -8.86
C THR A 85 -6.23 -11.21 -9.01
N GLY A 86 -6.98 -11.67 -10.01
CA GLY A 86 -6.95 -13.06 -10.43
C GLY A 86 -5.61 -13.44 -11.04
N ALA A 87 -5.17 -12.65 -12.01
CA ALA A 87 -3.92 -12.92 -12.71
C ALA A 87 -2.70 -12.95 -11.79
N GLN A 88 -2.74 -12.15 -10.71
CA GLN A 88 -1.67 -12.14 -9.71
C GLN A 88 -1.51 -13.47 -9.03
N TYR A 89 -2.62 -14.15 -8.76
CA TYR A 89 -2.53 -15.42 -8.06
C TYR A 89 -1.53 -16.39 -8.73
N MET A 90 -1.39 -16.31 -10.06
CA MET A 90 -0.34 -17.05 -10.77
C MET A 90 1.03 -16.93 -10.12
N ASP A 91 1.46 -15.70 -9.91
CA ASP A 91 2.75 -15.41 -9.26
C ASP A 91 2.74 -15.87 -7.80
N LEU A 92 1.68 -15.53 -7.10
CA LEU A 92 1.58 -15.73 -5.65
C LEU A 92 1.51 -17.20 -5.25
N ILE A 93 0.84 -18.00 -6.08
CA ILE A 93 0.87 -19.43 -5.96
C ILE A 93 2.34 -19.87 -6.14
N ARG A 94 2.92 -19.55 -7.30
CA ARG A 94 4.33 -19.89 -7.61
C ARG A 94 5.31 -19.43 -6.52
N GLU A 95 5.15 -18.19 -6.07
CA GLU A 95 6.01 -17.60 -5.04
C GLU A 95 5.94 -18.37 -3.71
N SER A 96 4.77 -18.92 -3.40
CA SER A 96 4.52 -19.53 -2.09
C SER A 96 5.43 -20.71 -1.76
N GLY A 97 5.80 -21.47 -2.78
CA GLY A 97 6.65 -22.65 -2.61
C GLY A 97 7.94 -22.42 -1.84
N GLY A 98 8.57 -21.27 -2.07
CA GLY A 98 9.76 -20.84 -1.32
C GLY A 98 9.55 -20.70 0.18
N PHE A 99 8.33 -20.37 0.61
CA PHE A 99 7.96 -20.32 2.03
C PHE A 99 7.34 -21.65 2.52
N GLY A 100 7.51 -22.71 1.73
CA GLY A 100 7.10 -24.06 2.11
C GLY A 100 5.65 -24.41 1.88
N TRP A 101 5.03 -23.77 0.89
CA TRP A 101 3.68 -24.14 0.47
C TRP A 101 3.76 -25.12 -0.69
N GLU A 102 3.76 -26.42 -0.33
CA GLU A 102 3.91 -27.52 -1.26
C GLU A 102 2.54 -27.95 -1.79
N MET A 103 2.48 -28.29 -3.08
CA MET A 103 1.22 -28.71 -3.71
C MET A 103 1.40 -29.24 -5.14
N ASP A 104 0.29 -29.69 -5.73
CA ASP A 104 0.25 -30.14 -7.13
C ASP A 104 0.46 -29.00 -8.15
N ARG A 105 1.70 -28.87 -8.65
CA ARG A 105 2.07 -27.90 -9.73
C ARG A 105 1.76 -28.42 -11.16
N GLU A 106 1.31 -29.67 -11.28
CA GLU A 106 0.85 -30.22 -12.55
C GLU A 106 -0.41 -29.50 -13.07
N SER A 107 -1.42 -29.30 -12.19
CA SER A 107 -2.62 -28.47 -12.49
C SER A 107 -2.24 -26.96 -12.50
N LEU A 108 -1.48 -26.60 -13.53
CA LEU A 108 -0.77 -25.32 -13.64
C LEU A 108 -1.72 -24.19 -14.08
N CYS A 109 -2.85 -24.58 -14.67
CA CYS A 109 -3.72 -23.65 -15.40
C CYS A 109 -4.98 -23.23 -14.64
N PRO A 110 -5.40 -21.97 -14.82
CA PRO A 110 -6.61 -21.47 -14.17
C PRO A 110 -7.84 -21.72 -15.01
N ASN A 111 -9.00 -21.28 -14.51
CA ASN A 111 -10.26 -21.39 -15.21
C ASN A 111 -10.84 -20.00 -15.46
N TRP A 112 -10.71 -19.55 -16.70
CA TRP A 112 -11.23 -18.27 -17.20
C TRP A 112 -12.71 -18.18 -17.03
N LYS A 113 -13.39 -19.30 -17.25
CA LYS A 113 -14.84 -19.37 -17.19
C LYS A 113 -15.30 -18.97 -15.77
N THR A 114 -14.75 -19.63 -14.75
CA THR A 114 -15.17 -19.36 -13.37
C THR A 114 -14.78 -17.98 -12.88
N LEU A 115 -13.85 -17.33 -13.59
CA LEU A 115 -13.48 -15.93 -13.31
C LEU A 115 -14.48 -14.96 -13.93
N ILE A 116 -14.75 -15.12 -15.22
CA ILE A 116 -15.68 -14.24 -15.89
C ILE A 116 -17.03 -14.34 -15.21
N ALA A 117 -17.43 -15.58 -14.91
CA ALA A 117 -18.69 -15.84 -14.23
C ALA A 117 -18.72 -15.04 -12.94
N ALA A 118 -17.77 -15.33 -12.07
CA ALA A 118 -17.67 -14.67 -10.78
C ALA A 118 -17.56 -13.13 -10.91
N LYS A 119 -16.89 -12.66 -11.97
CA LYS A 119 -16.84 -11.23 -12.27
C LYS A 119 -18.24 -10.70 -12.60
N ASN A 120 -18.96 -11.37 -13.50
CA ASN A 120 -20.25 -10.85 -13.98
C ASN A 120 -21.21 -10.59 -12.81
N LYS A 121 -21.40 -11.62 -12.01
CA LYS A 121 -22.13 -11.55 -10.75
C LYS A 121 -21.89 -10.22 -10.02
N VAL A 122 -20.61 -9.92 -9.80
CA VAL A 122 -20.16 -8.76 -9.02
C VAL A 122 -20.48 -7.44 -9.69
N VAL A 123 -20.18 -7.34 -10.97
CA VAL A 123 -20.52 -6.14 -11.74
C VAL A 123 -22.03 -5.98 -11.83
N ASN A 124 -22.72 -7.10 -12.00
CA ASN A 124 -24.17 -7.10 -12.09
C ASN A 124 -24.82 -6.56 -10.85
N SER A 125 -24.34 -6.99 -9.69
CA SER A 125 -24.92 -6.58 -8.44
C SER A 125 -24.75 -5.08 -8.20
N ILE A 126 -23.81 -4.44 -8.89
CA ILE A 126 -23.77 -2.97 -8.89
C ILE A 126 -24.92 -2.37 -9.70
N ASN A 127 -25.14 -2.91 -10.89
CA ASN A 127 -26.26 -2.43 -11.70
C ASN A 127 -27.59 -2.52 -10.95
N GLU A 128 -27.78 -3.60 -10.19
CA GLU A 128 -28.90 -3.71 -9.25
C GLU A 128 -28.79 -2.61 -8.21
N SER A 129 -27.64 -2.53 -7.57
CA SER A 129 -27.39 -1.54 -6.54
C SER A 129 -27.79 -0.14 -7.00
N TYR A 130 -27.49 0.17 -8.25
CA TYR A 130 -27.84 1.46 -8.82
C TYR A 130 -29.31 1.62 -9.21
N LYS A 131 -29.95 0.59 -9.77
CA LYS A 131 -31.38 0.69 -10.12
C LYS A 131 -32.16 1.16 -8.92
N SER A 132 -31.96 0.48 -7.80
CA SER A 132 -32.68 0.80 -6.58
C SER A 132 -32.22 2.10 -5.92
N MET A 133 -31.11 2.70 -6.36
CA MET A 133 -30.81 4.08 -6.00
C MET A 133 -31.82 5.05 -6.61
N PHE A 134 -32.05 4.93 -7.92
CA PHE A 134 -33.00 5.83 -8.62
C PHE A 134 -34.43 5.68 -8.10
N ALA A 135 -34.79 4.42 -7.84
CA ALA A 135 -36.03 4.11 -7.18
C ALA A 135 -36.09 4.84 -5.85
N ASP A 136 -35.09 4.60 -4.99
CA ASP A 136 -35.05 5.18 -3.63
C ASP A 136 -34.85 6.70 -3.58
N THR A 137 -34.32 7.29 -4.65
CA THR A 137 -34.11 8.73 -4.69
C THR A 137 -35.22 9.42 -5.49
N GLU A 138 -35.89 10.35 -4.81
CA GLU A 138 -36.88 11.26 -5.39
C GLU A 138 -36.14 12.44 -6.03
N GLY A 139 -36.56 12.81 -7.24
CA GLY A 139 -35.83 13.78 -8.05
C GLY A 139 -35.01 13.06 -9.11
N LEU A 140 -34.33 11.99 -8.70
CA LEU A 140 -33.55 11.16 -9.61
C LEU A 140 -34.39 10.15 -10.38
N SER A 141 -34.22 10.18 -11.71
CA SER A 141 -34.92 9.31 -12.64
C SER A 141 -33.99 8.85 -13.78
N PHE A 142 -33.94 7.55 -14.03
CA PHE A 142 -33.12 6.97 -15.12
C PHE A 142 -33.96 6.81 -16.40
N HIS A 143 -33.38 7.09 -17.57
CA HIS A 143 -34.13 7.08 -18.85
C HIS A 143 -33.36 6.37 -19.97
N MET A 144 -33.70 5.12 -20.23
CA MET A 144 -32.89 4.26 -21.08
C MET A 144 -33.11 4.53 -22.57
N GLY A 145 -32.04 4.97 -23.25
CA GLY A 145 -32.04 5.18 -24.70
C GLY A 145 -30.79 5.91 -25.15
N PHE A 146 -30.81 6.42 -26.38
CA PHE A 146 -29.73 7.24 -26.90
C PHE A 146 -30.09 8.72 -26.77
N GLY A 147 -29.38 9.40 -25.88
CA GLY A 147 -29.51 10.85 -25.73
C GLY A 147 -28.99 11.62 -26.92
N ALA A 148 -29.67 12.72 -27.25
CA ALA A 148 -29.35 13.55 -28.41
C ALA A 148 -29.89 14.95 -28.16
N LEU A 149 -29.10 15.98 -28.45
CA LEU A 149 -29.58 17.35 -28.24
C LEU A 149 -30.53 17.73 -29.37
N GLN A 150 -31.72 18.19 -28.99
CA GLN A 150 -32.71 18.77 -29.90
C GLN A 150 -32.40 20.25 -30.05
N ASP A 151 -32.22 20.91 -28.91
CA ASP A 151 -31.80 22.31 -28.83
C ASP A 151 -31.19 22.56 -27.44
N ALA A 152 -30.98 23.83 -27.10
CA ALA A 152 -30.28 24.19 -25.86
C ALA A 152 -30.96 23.75 -24.55
N HIS A 153 -32.27 23.53 -24.57
CA HIS A 153 -32.98 23.09 -23.37
C HIS A 153 -33.71 21.75 -23.48
N THR A 154 -33.67 21.14 -24.66
CA THR A 154 -34.39 19.92 -24.92
C THR A 154 -33.40 18.82 -25.22
N VAL A 155 -33.73 17.60 -24.79
CA VAL A 155 -32.93 16.40 -25.04
C VAL A 155 -33.86 15.28 -25.50
N VAL A 156 -33.71 14.87 -26.76
CA VAL A 156 -34.46 13.75 -27.30
C VAL A 156 -33.78 12.46 -26.83
N VAL A 157 -34.60 11.46 -26.52
CA VAL A 157 -34.15 10.09 -26.27
C VAL A 157 -34.73 9.21 -27.36
N ARG A 158 -33.92 8.32 -27.93
CA ARG A 158 -34.34 7.46 -29.05
C ARG A 158 -33.94 6.03 -28.74
N LYS A 159 -34.72 5.07 -29.24
CA LYS A 159 -34.43 3.66 -28.94
C LYS A 159 -33.19 3.17 -29.69
N SER A 160 -33.08 3.51 -30.97
CA SER A 160 -31.99 3.02 -31.80
C SER A 160 -30.89 4.06 -31.92
N GLU A 161 -29.71 3.57 -32.27
CA GLU A 161 -28.54 4.41 -32.54
C GLU A 161 -28.74 5.19 -33.84
N ASP A 162 -29.51 4.64 -34.78
CA ASP A 162 -29.98 5.40 -35.93
C ASP A 162 -30.68 6.67 -35.42
N PRO A 163 -30.18 7.89 -35.80
CA PRO A 163 -30.83 9.14 -35.34
C PRO A 163 -32.28 9.36 -35.77
N HIS A 164 -32.67 8.73 -36.88
CA HIS A 164 -34.04 8.76 -37.39
C HIS A 164 -35.00 7.75 -36.71
N SER A 165 -34.58 7.05 -35.67
CA SER A 165 -35.39 5.97 -35.08
C SER A 165 -36.58 6.48 -34.28
N ASP A 166 -37.38 5.56 -33.78
CA ASP A 166 -38.47 5.87 -32.83
C ASP A 166 -37.98 6.72 -31.66
N VAL A 167 -38.76 7.73 -31.32
CA VAL A 167 -38.44 8.72 -30.31
C VAL A 167 -39.09 8.27 -29.02
N LEU A 168 -38.32 8.00 -27.98
CA LEU A 168 -38.86 7.37 -26.76
C LEU A 168 -39.33 8.35 -25.69
N GLU A 169 -38.59 9.44 -25.52
CA GLU A 169 -38.94 10.54 -24.60
C GLU A 169 -38.40 11.83 -25.14
N THR A 170 -38.89 12.96 -24.63
CA THR A 170 -38.35 14.28 -25.01
C THR A 170 -38.22 15.19 -23.78
N LEU A 171 -37.02 15.19 -23.20
CA LEU A 171 -36.77 15.81 -21.91
C LEU A 171 -36.47 17.30 -22.07
N ASP A 172 -37.14 18.10 -21.26
CA ASP A 172 -37.05 19.55 -21.29
C ASP A 172 -36.32 19.99 -20.00
N THR A 173 -35.36 20.91 -20.11
CA THR A 173 -34.51 21.22 -18.96
C THR A 173 -33.72 22.53 -18.97
N GLU A 174 -33.52 23.07 -17.76
CA GLU A 174 -32.72 24.28 -17.51
C GLU A 174 -31.28 24.06 -17.98
N TYR A 175 -30.66 22.99 -17.48
CA TYR A 175 -29.24 22.71 -17.68
C TYR A 175 -29.05 21.31 -18.22
N ILE A 176 -28.08 21.15 -19.12
CA ILE A 176 -27.71 19.86 -19.71
C ILE A 176 -26.23 19.58 -19.38
N LEU A 177 -25.91 18.35 -18.99
CA LEU A 177 -24.52 17.93 -18.69
C LEU A 177 -24.16 16.75 -19.57
N ILE A 178 -23.00 16.80 -20.23
CA ILE A 178 -22.58 15.73 -21.15
C ILE A 178 -21.46 14.90 -20.51
N ALA A 179 -21.84 13.73 -19.99
CA ALA A 179 -20.92 12.78 -19.37
C ALA A 179 -20.99 11.46 -20.12
N THR A 180 -20.82 11.53 -21.44
CA THR A 180 -20.91 10.35 -22.32
C THR A 180 -19.56 9.63 -22.48
N GLY A 181 -18.50 10.18 -21.90
CA GLY A 181 -17.27 9.43 -21.81
C GLY A 181 -16.57 9.26 -23.14
N SER A 182 -16.10 8.03 -23.41
CA SER A 182 -15.21 7.77 -24.55
C SER A 182 -15.36 6.37 -25.11
N TRP A 183 -14.79 6.16 -26.30
CA TRP A 183 -14.96 4.92 -27.06
C TRP A 183 -13.63 4.46 -27.65
N PRO A 184 -13.38 3.11 -27.75
CA PRO A 184 -12.05 2.67 -28.19
C PRO A 184 -11.69 3.14 -29.60
N THR A 185 -10.47 3.66 -29.77
CA THR A 185 -9.95 4.05 -31.07
C THR A 185 -9.60 2.78 -31.80
N ARG A 186 -10.10 2.67 -33.03
CA ARG A 186 -9.73 1.57 -33.91
C ARG A 186 -8.51 1.99 -34.73
N LEU A 187 -7.79 1.03 -35.31
CA LEU A 187 -6.82 1.34 -36.36
C LEU A 187 -7.46 0.89 -37.69
N GLY A 188 -7.56 1.82 -38.63
CA GLY A 188 -8.20 1.57 -39.94
C GLY A 188 -7.29 0.78 -40.85
N VAL A 189 -7.37 -0.54 -40.73
CA VAL A 189 -6.44 -1.47 -41.36
C VAL A 189 -7.26 -2.60 -41.95
N PRO A 190 -6.86 -3.14 -43.11
CA PRO A 190 -7.53 -4.34 -43.60
C PRO A 190 -7.52 -5.48 -42.56
N GLY A 191 -8.69 -5.96 -42.17
CA GLY A 191 -8.80 -6.96 -41.10
C GLY A 191 -9.13 -6.45 -39.69
N ASP A 192 -9.33 -5.14 -39.56
CA ASP A 192 -9.66 -4.51 -38.29
C ASP A 192 -10.89 -5.16 -37.64
N GLU A 193 -11.88 -5.51 -38.47
CA GLU A 193 -13.12 -6.18 -38.04
C GLU A 193 -12.88 -7.40 -37.13
N PHE A 194 -11.82 -8.16 -37.42
CA PHE A 194 -11.51 -9.41 -36.71
C PHE A 194 -10.79 -9.20 -35.37
N CYS A 195 -10.41 -7.97 -35.04
CA CYS A 195 -9.80 -7.64 -33.75
C CYS A 195 -10.87 -7.38 -32.67
N ILE A 196 -10.44 -7.23 -31.42
CA ILE A 196 -11.32 -6.86 -30.30
C ILE A 196 -10.76 -5.62 -29.59
N THR A 197 -11.49 -5.11 -28.58
CA THR A 197 -11.03 -3.98 -27.74
C THR A 197 -11.13 -4.34 -26.25
N SER A 198 -10.75 -3.40 -25.39
CA SER A 198 -11.00 -3.56 -23.95
C SER A 198 -12.41 -4.11 -23.73
N ASN A 199 -13.41 -3.43 -24.33
CA ASN A 199 -14.83 -3.76 -24.18
C ASN A 199 -15.19 -5.24 -24.43
N GLU A 200 -14.69 -5.80 -25.54
CA GLU A 200 -14.97 -7.20 -25.89
C GLU A 200 -14.17 -8.18 -25.05
N ALA A 201 -13.01 -7.73 -24.60
CA ALA A 201 -12.11 -8.56 -23.82
C ALA A 201 -12.79 -9.14 -22.60
N PHE A 202 -13.62 -8.31 -21.97
CA PHE A 202 -14.31 -8.66 -20.73
C PHE A 202 -15.35 -9.77 -20.83
N TYR A 203 -15.89 -9.99 -22.04
CA TYR A 203 -16.90 -11.03 -22.27
C TYR A 203 -16.42 -12.06 -23.27
N LEU A 204 -15.12 -12.32 -23.31
CA LEU A 204 -14.55 -13.41 -24.12
C LEU A 204 -14.97 -14.76 -23.54
N GLU A 205 -15.28 -15.69 -24.41
CA GLU A 205 -15.80 -16.99 -24.00
C GLU A 205 -14.73 -17.77 -23.26
N ASP A 206 -13.57 -17.91 -23.90
CA ASP A 206 -12.44 -18.68 -23.39
C ASP A 206 -11.20 -17.80 -23.31
N ALA A 207 -10.21 -18.30 -22.57
CA ALA A 207 -8.94 -17.62 -22.43
C ALA A 207 -8.13 -17.78 -23.70
N PRO A 208 -7.64 -16.67 -24.30
CA PRO A 208 -6.83 -16.83 -25.49
C PRO A 208 -5.47 -17.49 -25.19
N LYS A 209 -5.15 -18.56 -25.92
CA LYS A 209 -3.85 -19.25 -25.80
C LYS A 209 -2.76 -18.37 -26.36
N ARG A 210 -2.90 -18.05 -27.64
CA ARG A 210 -1.93 -17.25 -28.36
C ARG A 210 -2.55 -15.87 -28.51
N MET A 211 -2.06 -14.92 -27.71
CA MET A 211 -2.66 -13.59 -27.60
C MET A 211 -1.76 -12.48 -28.13
N LEU A 212 -2.36 -11.46 -28.74
CA LEU A 212 -1.64 -10.26 -29.17
C LEU A 212 -2.33 -9.00 -28.67
N CYS A 213 -1.75 -8.36 -27.65
CA CYS A 213 -2.21 -7.04 -27.21
C CYS A 213 -1.48 -6.00 -28.03
N VAL A 214 -2.23 -5.17 -28.78
CA VAL A 214 -1.62 -4.12 -29.60
C VAL A 214 -1.71 -2.79 -28.88
N GLY A 215 -0.62 -2.02 -28.94
CA GLY A 215 -0.53 -0.67 -28.39
C GLY A 215 0.27 -0.69 -27.11
N GLY A 216 0.50 0.50 -26.56
CA GLY A 216 1.30 0.66 -25.33
C GLY A 216 0.70 1.69 -24.39
N GLY A 217 -0.63 1.67 -24.27
CA GLY A 217 -1.36 2.47 -23.28
C GLY A 217 -1.54 1.66 -22.02
N TYR A 218 -2.05 2.28 -20.95
CA TYR A 218 -2.23 1.60 -19.66
C TYR A 218 -3.14 0.39 -19.77
N ILE A 219 -4.12 0.47 -20.69
CA ILE A 219 -5.00 -0.68 -20.99
C ILE A 219 -4.18 -1.82 -21.59
N ALA A 220 -3.49 -1.50 -22.68
CA ALA A 220 -2.65 -2.49 -23.37
C ALA A 220 -1.87 -3.37 -22.39
N VAL A 221 -1.25 -2.71 -21.44
CA VAL A 221 -0.38 -3.34 -20.48
C VAL A 221 -1.17 -4.09 -19.41
N GLU A 222 -2.17 -3.44 -18.85
CA GLU A 222 -2.96 -4.10 -17.80
C GLU A 222 -3.40 -5.47 -18.31
N PHE A 223 -4.00 -5.46 -19.51
CA PHE A 223 -4.56 -6.65 -20.14
C PHE A 223 -3.51 -7.69 -20.49
N ALA A 224 -2.40 -7.26 -21.06
CA ALA A 224 -1.32 -8.20 -21.29
C ALA A 224 -1.04 -8.97 -20.00
N GLY A 225 -0.97 -8.24 -18.89
CA GLY A 225 -0.93 -8.85 -17.55
C GLY A 225 -1.98 -9.93 -17.32
N ILE A 226 -3.26 -9.55 -17.52
CA ILE A 226 -4.41 -10.47 -17.31
C ILE A 226 -4.33 -11.75 -18.13
N PHE A 227 -4.20 -11.62 -19.45
CA PHE A 227 -4.17 -12.78 -20.37
C PHE A 227 -3.01 -13.72 -20.11
N ASN A 228 -1.88 -13.13 -19.73
CA ASN A 228 -0.67 -13.86 -19.32
C ASN A 228 -0.86 -14.70 -18.05
N GLY A 229 -1.74 -14.23 -17.17
CA GLY A 229 -2.16 -14.99 -15.97
C GLY A 229 -3.09 -16.13 -16.30
N TYR A 230 -4.03 -15.86 -17.21
CA TYR A 230 -5.10 -16.81 -17.58
C TYR A 230 -4.87 -17.59 -18.88
N LYS A 231 -3.68 -17.48 -19.46
CA LYS A 231 -3.35 -18.29 -20.63
C LYS A 231 -3.40 -19.80 -20.28
N PRO A 232 -3.96 -20.64 -21.20
CA PRO A 232 -3.82 -22.09 -21.06
C PRO A 232 -2.37 -22.56 -21.16
N CYS A 233 -2.06 -23.64 -20.45
CA CYS A 233 -0.69 -24.15 -20.33
C CYS A 233 -0.18 -24.51 -21.70
N GLY A 234 0.76 -23.72 -22.20
CA GLY A 234 1.24 -23.82 -23.57
C GLY A 234 1.02 -22.57 -24.38
N GLY A 235 0.24 -21.62 -23.83
CA GLY A 235 0.00 -20.32 -24.44
C GLY A 235 1.03 -19.28 -24.09
N TYR A 236 1.03 -18.21 -24.87
CA TYR A 236 1.95 -17.09 -24.74
C TYR A 236 1.20 -15.79 -25.02
N VAL A 237 1.80 -14.66 -24.65
CA VAL A 237 1.19 -13.33 -24.87
C VAL A 237 2.22 -12.38 -25.47
N ASP A 238 1.89 -11.72 -26.57
CA ASP A 238 2.78 -10.71 -27.19
C ASP A 238 2.21 -9.29 -27.03
N LEU A 239 3.04 -8.36 -26.57
CA LEU A 239 2.70 -6.91 -26.57
C LEU A 239 3.31 -6.31 -27.84
N CYS A 240 2.73 -5.24 -28.37
CA CYS A 240 3.14 -4.72 -29.67
C CYS A 240 2.86 -3.22 -29.80
N TYR A 241 3.91 -2.43 -29.90
CA TYR A 241 3.81 -0.99 -29.83
C TYR A 241 4.51 -0.42 -31.04
N ARG A 242 3.98 0.66 -31.62
CA ARG A 242 4.68 1.28 -32.76
C ARG A 242 5.90 2.12 -32.34
N GLY A 243 5.88 2.63 -31.10
CA GLY A 243 6.98 3.43 -30.56
C GLY A 243 8.10 2.62 -29.93
N ASP A 244 9.04 3.33 -29.32
CA ASP A 244 10.28 2.73 -28.84
C ASP A 244 10.06 2.01 -27.54
N LEU A 245 9.51 2.76 -26.57
CA LEU A 245 9.34 2.32 -25.20
C LEU A 245 7.87 2.48 -24.79
N ILE A 246 7.27 1.43 -24.23
CA ILE A 246 5.86 1.49 -23.84
C ILE A 246 5.51 2.55 -22.80
N LEU A 247 4.24 2.95 -22.81
CA LEU A 247 3.69 3.91 -21.85
C LEU A 247 4.37 5.29 -21.87
N ARG A 248 4.23 6.05 -22.96
CA ARG A 248 4.76 7.42 -22.93
C ARG A 248 3.95 8.25 -21.94
N GLY A 249 4.63 9.22 -21.33
CA GLY A 249 4.05 10.08 -20.33
C GLY A 249 4.37 9.59 -18.93
N PHE A 250 5.21 8.56 -18.82
CA PHE A 250 5.61 8.04 -17.52
C PHE A 250 7.12 8.12 -17.40
N ASP A 251 7.63 8.02 -16.17
CA ASP A 251 9.07 8.12 -15.95
C ASP A 251 9.78 7.04 -16.74
N THR A 252 10.52 7.45 -17.78
CA THR A 252 11.34 6.56 -18.61
C THR A 252 12.01 5.41 -17.86
N GLU A 253 12.59 5.70 -16.69
CA GLU A 253 13.30 4.68 -15.92
C GLU A 253 12.34 3.67 -15.33
N VAL A 254 11.16 4.15 -14.92
CA VAL A 254 10.06 3.27 -14.53
C VAL A 254 9.56 2.43 -15.72
N ARG A 255 9.40 3.07 -16.88
CA ARG A 255 8.92 2.40 -18.10
C ARG A 255 9.83 1.25 -18.54
N LYS A 256 11.13 1.44 -18.40
CA LYS A 256 12.10 0.40 -18.74
C LYS A 256 12.05 -0.77 -17.77
N SER A 257 12.27 -0.54 -16.47
CA SER A 257 12.17 -1.59 -15.42
C SER A 257 10.88 -2.41 -15.55
N LEU A 258 9.79 -1.74 -15.90
CA LEU A 258 8.53 -2.45 -16.19
C LEU A 258 8.63 -3.29 -17.47
N THR A 259 9.09 -2.69 -18.58
CA THR A 259 9.25 -3.39 -19.86
C THR A 259 10.09 -4.66 -19.71
N LYS A 260 11.12 -4.60 -18.85
CA LYS A 260 11.90 -5.79 -18.49
C LYS A 260 11.03 -6.80 -17.72
N GLN A 261 10.36 -6.32 -16.66
CA GLN A 261 9.59 -7.18 -15.72
C GLN A 261 8.39 -7.90 -16.34
N LEU A 262 7.82 -7.31 -17.40
CA LEU A 262 6.80 -7.98 -18.17
C LEU A 262 7.44 -9.16 -18.88
N GLY A 263 8.58 -8.89 -19.52
CA GLY A 263 9.45 -9.92 -20.08
C GLY A 263 9.69 -11.03 -19.07
N ALA A 264 10.22 -10.67 -17.91
CA ALA A 264 10.54 -11.64 -16.86
C ALA A 264 9.34 -12.50 -16.45
N ASN A 265 8.13 -11.94 -16.54
CA ASN A 265 6.88 -12.69 -16.30
C ASN A 265 6.35 -13.47 -17.49
N GLY A 266 7.01 -13.35 -18.64
CA GLY A 266 6.69 -14.15 -19.83
C GLY A 266 5.94 -13.40 -20.91
N ILE A 267 5.75 -12.09 -20.76
CA ILE A 267 5.12 -11.29 -21.81
C ILE A 267 6.21 -10.93 -22.81
N ARG A 268 6.01 -11.30 -24.06
CA ARG A 268 6.98 -10.98 -25.09
C ARG A 268 6.73 -9.59 -25.64
N VAL A 269 7.42 -8.58 -25.12
CA VAL A 269 7.21 -7.22 -25.58
C VAL A 269 7.86 -7.07 -26.94
N ARG A 270 7.17 -6.36 -27.82
CA ARG A 270 7.67 -6.11 -29.16
C ARG A 270 7.47 -4.63 -29.47
N THR A 271 8.50 -4.00 -30.04
CA THR A 271 8.47 -2.55 -30.29
C THR A 271 8.72 -2.27 -31.77
N ASN A 272 8.48 -1.02 -32.16
CA ASN A 272 8.51 -0.54 -33.56
C ASN A 272 7.94 -1.52 -34.54
N LEU A 273 6.73 -1.92 -34.22
CA LEU A 273 6.08 -3.00 -34.89
C LEU A 273 4.59 -2.88 -34.61
N ASN A 274 3.84 -2.47 -35.63
CA ASN A 274 2.38 -2.55 -35.65
C ASN A 274 1.91 -3.39 -36.82
N PRO A 275 0.73 -4.03 -36.73
CA PRO A 275 0.29 -4.86 -37.85
C PRO A 275 -0.30 -4.05 -39.00
N THR A 276 -0.25 -4.66 -40.19
CA THR A 276 -0.73 -4.05 -41.43
C THR A 276 -1.90 -4.76 -42.08
N LYS A 277 -2.06 -6.08 -41.86
CA LYS A 277 -3.23 -6.85 -42.38
C LYS A 277 -3.59 -8.02 -41.46
N ILE A 278 -4.90 -8.27 -41.26
CA ILE A 278 -5.40 -9.42 -40.48
C ILE A 278 -6.45 -10.20 -41.30
N THR A 279 -6.36 -11.53 -41.25
CA THR A 279 -7.18 -12.42 -42.07
C THR A 279 -7.60 -13.64 -41.25
N LYS A 280 -8.90 -13.94 -41.22
CA LYS A 280 -9.41 -15.04 -40.40
C LYS A 280 -9.13 -16.39 -41.06
N ASN A 281 -8.73 -17.39 -40.26
CA ASN A 281 -8.33 -18.70 -40.78
C ASN A 281 -9.44 -19.74 -40.73
N GLU A 282 -9.25 -20.81 -41.48
CA GLU A 282 -10.28 -21.85 -41.71
C GLU A 282 -10.70 -22.58 -40.42
N ASP A 283 -9.81 -22.56 -39.42
CA ASP A 283 -10.10 -23.05 -38.07
C ASP A 283 -10.46 -21.91 -37.10
N GLY A 284 -10.95 -20.79 -37.62
CA GLY A 284 -11.36 -19.65 -36.80
C GLY A 284 -10.28 -18.68 -36.33
N SER A 285 -9.04 -19.14 -36.20
CA SER A 285 -7.95 -18.34 -35.60
C SER A 285 -7.58 -17.14 -36.45
N ASN A 286 -6.87 -16.18 -35.87
CA ASN A 286 -6.49 -14.94 -36.56
C ASN A 286 -5.02 -14.88 -36.97
N HIS A 287 -4.80 -14.66 -38.27
CA HIS A 287 -3.46 -14.61 -38.87
C HIS A 287 -3.11 -13.13 -39.11
N VAL A 288 -1.88 -12.75 -38.73
CA VAL A 288 -1.47 -11.34 -38.65
C VAL A 288 -0.20 -11.07 -39.46
N HIS A 289 -0.31 -10.21 -40.48
CA HIS A 289 0.85 -9.65 -41.19
C HIS A 289 1.31 -8.40 -40.43
N PHE A 290 2.63 -8.27 -40.28
CA PHE A 290 3.22 -7.25 -39.41
C PHE A 290 3.87 -6.08 -40.16
N ASN A 291 4.27 -5.09 -39.37
CA ASN A 291 5.12 -3.97 -39.75
C ASN A 291 6.39 -4.33 -40.50
N ASP A 292 7.20 -5.21 -39.90
CA ASP A 292 8.46 -5.70 -40.51
C ASP A 292 8.27 -6.73 -41.61
N GLY A 293 7.08 -7.32 -41.69
CA GLY A 293 6.75 -8.35 -42.68
C GLY A 293 6.67 -9.76 -42.12
N THR A 294 6.66 -9.91 -40.80
CA THR A 294 6.46 -11.21 -40.14
C THR A 294 4.98 -11.65 -40.27
N GLU A 295 4.77 -12.96 -40.28
CA GLU A 295 3.44 -13.56 -40.24
C GLU A 295 3.34 -14.42 -39.00
N GLU A 296 2.20 -14.33 -38.30
CA GLU A 296 1.98 -15.10 -37.08
C GLU A 296 0.50 -15.38 -36.82
N ASP A 297 0.26 -16.41 -36.02
CA ASP A 297 -1.10 -16.84 -35.68
C ASP A 297 -1.39 -16.61 -34.19
N TYR A 298 -2.50 -15.92 -33.92
CA TYR A 298 -3.02 -15.65 -32.57
C TYR A 298 -4.51 -16.00 -32.48
N ASP A 299 -4.93 -16.50 -31.32
CA ASP A 299 -6.33 -16.81 -31.08
C ASP A 299 -7.18 -15.54 -31.06
N GLN A 300 -6.68 -14.49 -30.41
CA GLN A 300 -7.36 -13.20 -30.32
C GLN A 300 -6.35 -12.07 -30.51
N VAL A 301 -6.84 -10.86 -30.75
CA VAL A 301 -5.96 -9.70 -30.87
C VAL A 301 -6.67 -8.41 -30.46
N MET A 302 -6.20 -7.82 -29.36
CA MET A 302 -6.85 -6.68 -28.69
C MET A 302 -6.15 -5.38 -29.06
N LEU A 303 -6.95 -4.33 -29.20
CA LEU A 303 -6.48 -3.01 -29.62
C LEU A 303 -6.65 -1.98 -28.51
N ALA A 304 -5.56 -1.78 -27.77
CA ALA A 304 -5.46 -0.71 -26.80
C ALA A 304 -4.67 0.42 -27.44
N ILE A 305 -5.27 0.96 -28.49
CA ILE A 305 -4.76 2.13 -29.19
C ILE A 305 -5.04 3.37 -28.35
N GLY A 306 -6.23 3.42 -27.72
CA GLY A 306 -6.65 4.61 -26.99
C GLY A 306 -8.15 4.74 -27.00
N ARG A 307 -8.61 5.92 -26.58
CA ARG A 307 -10.03 6.22 -26.47
C ARG A 307 -10.37 7.64 -26.99
N VAL A 308 -11.10 7.70 -28.10
CA VAL A 308 -11.68 8.95 -28.61
C VAL A 308 -12.95 9.34 -27.80
N PRO A 309 -13.16 10.65 -27.52
CA PRO A 309 -14.41 11.10 -26.92
C PRO A 309 -15.66 10.63 -27.67
N ARG A 310 -16.74 10.45 -26.92
CA ARG A 310 -17.95 9.86 -27.43
C ARG A 310 -19.03 10.91 -27.61
N SER A 311 -18.85 11.72 -28.66
CA SER A 311 -19.74 12.85 -28.99
C SER A 311 -20.28 12.80 -30.42
N GLN A 312 -20.02 11.69 -31.11
CA GLN A 312 -20.05 11.67 -32.58
C GLN A 312 -21.50 11.62 -33.17
N ALA A 313 -22.49 11.32 -32.32
CA ALA A 313 -23.91 11.24 -32.72
C ALA A 313 -24.89 12.02 -31.82
N LEU A 314 -24.37 12.88 -30.94
CA LEU A 314 -25.21 13.62 -30.00
C LEU A 314 -25.87 14.83 -30.63
N GLN A 315 -25.44 15.21 -31.84
CA GLN A 315 -25.92 16.41 -32.53
C GLN A 315 -25.65 17.65 -31.68
N LEU A 316 -24.36 17.95 -31.50
CA LEU A 316 -23.92 19.10 -30.73
C LEU A 316 -24.13 20.35 -31.58
N ASP A 317 -23.82 20.23 -32.87
CA ASP A 317 -24.10 21.26 -33.87
C ASP A 317 -25.57 21.74 -33.91
N LYS A 318 -26.52 20.87 -33.58
CA LYS A 318 -27.92 21.29 -33.40
C LYS A 318 -28.08 22.34 -32.31
N ALA A 319 -27.40 22.15 -31.18
CA ALA A 319 -27.49 23.06 -30.03
C ALA A 319 -26.49 24.25 -30.05
N GLY A 320 -25.37 24.08 -30.76
CA GLY A 320 -24.29 25.09 -30.79
C GLY A 320 -23.11 24.84 -29.84
N VAL A 321 -22.98 23.60 -29.36
CA VAL A 321 -21.84 23.16 -28.56
C VAL A 321 -20.74 22.78 -29.54
N ARG A 322 -19.48 23.01 -29.16
CA ARG A 322 -18.36 22.87 -30.08
C ARG A 322 -17.52 21.58 -29.89
N THR A 323 -17.24 20.92 -31.02
CA THR A 323 -16.28 19.81 -31.10
C THR A 323 -14.93 20.37 -31.54
N GLY A 324 -13.84 19.68 -31.17
CA GLY A 324 -12.48 20.12 -31.48
C GLY A 324 -11.63 19.03 -32.09
N LYS A 325 -10.97 18.27 -31.22
CA LYS A 325 -10.11 17.17 -31.64
C LYS A 325 -10.81 15.84 -31.35
N ASN A 326 -11.37 15.26 -32.41
CA ASN A 326 -12.14 13.99 -32.34
C ASN A 326 -13.36 14.08 -31.42
N GLY A 327 -14.08 15.19 -31.50
CA GLY A 327 -15.29 15.36 -30.70
C GLY A 327 -15.08 15.94 -29.31
N ALA A 328 -13.83 16.07 -28.87
CA ALA A 328 -13.54 16.68 -27.57
C ALA A 328 -14.45 17.88 -27.42
N VAL A 329 -15.30 17.87 -26.40
CA VAL A 329 -16.22 18.98 -26.18
C VAL A 329 -15.38 20.17 -25.75
N GLN A 330 -15.67 21.35 -26.29
CA GLN A 330 -14.91 22.56 -25.97
C GLN A 330 -15.47 23.16 -24.70
N VAL A 331 -14.64 23.17 -23.66
CA VAL A 331 -15.09 23.47 -22.30
C VAL A 331 -14.10 24.34 -21.55
N ASP A 332 -14.61 25.25 -20.72
CA ASP A 332 -13.77 26.10 -19.89
C ASP A 332 -13.44 25.42 -18.55
N ALA A 333 -12.86 26.17 -17.61
CA ALA A 333 -12.35 25.61 -16.37
C ALA A 333 -13.46 25.19 -15.43
N TYR A 334 -14.56 25.94 -15.42
CA TYR A 334 -15.77 25.56 -14.65
C TYR A 334 -16.66 24.49 -15.35
N SER A 335 -16.11 23.79 -16.35
CA SER A 335 -16.78 22.74 -17.13
C SER A 335 -17.93 23.22 -18.07
N LYS A 336 -18.00 24.53 -18.35
CA LYS A 336 -19.06 25.12 -19.21
C LYS A 336 -18.69 25.07 -20.67
N THR A 337 -19.64 24.74 -21.53
CA THR A 337 -19.36 24.64 -22.96
C THR A 337 -19.68 25.93 -23.67
N SER A 338 -19.53 25.86 -25.00
CA SER A 338 -19.96 26.87 -25.97
C SER A 338 -21.29 27.55 -25.65
N VAL A 339 -22.29 26.77 -25.21
CA VAL A 339 -23.60 27.30 -24.74
C VAL A 339 -23.59 27.43 -23.22
N ASP A 340 -24.25 28.48 -22.69
CA ASP A 340 -24.14 28.86 -21.27
C ASP A 340 -24.74 27.86 -20.28
N ASN A 341 -25.93 27.38 -20.60
CA ASN A 341 -26.63 26.38 -19.79
C ASN A 341 -26.09 24.94 -19.94
N ILE A 342 -25.39 24.65 -21.05
CA ILE A 342 -24.82 23.31 -21.29
C ILE A 342 -23.39 23.20 -20.74
N TYR A 343 -23.06 22.03 -20.16
CA TYR A 343 -21.75 21.74 -19.54
C TYR A 343 -21.30 20.36 -19.99
N ALA A 344 -20.03 20.01 -19.74
CA ALA A 344 -19.49 18.69 -20.14
C ALA A 344 -18.27 18.29 -19.30
N ILE A 345 -18.17 16.98 -19.05
CA ILE A 345 -17.17 16.44 -18.11
C ILE A 345 -16.63 15.02 -18.38
N GLY A 346 -15.43 14.81 -17.84
CA GLY A 346 -14.78 13.52 -17.73
C GLY A 346 -13.91 13.22 -18.93
N ASP A 347 -14.32 12.20 -19.67
CA ASP A 347 -13.59 11.71 -20.82
C ASP A 347 -13.94 12.49 -22.07
N VAL A 348 -15.16 13.01 -22.15
CA VAL A 348 -15.60 13.65 -23.39
C VAL A 348 -14.86 14.97 -23.60
N THR A 349 -14.46 15.62 -22.51
CA THR A 349 -13.65 16.83 -22.57
C THR A 349 -12.24 16.56 -23.13
N ASN A 350 -11.67 15.43 -22.69
CA ASN A 350 -10.31 15.01 -23.02
C ASN A 350 -9.28 15.79 -22.22
N ARG A 351 -9.63 16.17 -20.99
CA ARG A 351 -8.70 16.82 -20.08
C ARG A 351 -7.85 15.72 -19.47
N VAL A 352 -8.41 14.96 -18.53
CA VAL A 352 -7.76 13.77 -17.96
C VAL A 352 -8.85 12.69 -17.89
N MET A 353 -8.55 11.52 -18.46
CA MET A 353 -9.51 10.41 -18.60
C MET A 353 -9.30 9.37 -17.50
N LEU A 354 -9.56 9.85 -16.29
CA LEU A 354 -9.67 9.02 -15.12
C LEU A 354 -11.03 9.33 -14.52
N THR A 355 -11.51 8.36 -13.74
CA THR A 355 -12.75 8.47 -12.96
C THR A 355 -12.70 9.53 -11.86
N PRO A 356 -11.74 9.41 -10.90
CA PRO A 356 -11.73 10.36 -9.77
C PRO A 356 -11.79 11.83 -10.20
N VAL A 357 -11.17 12.12 -11.35
CA VAL A 357 -11.21 13.44 -12.00
C VAL A 357 -12.65 13.74 -12.48
N ALA A 358 -13.21 12.86 -13.31
CA ALA A 358 -14.60 13.01 -13.80
C ALA A 358 -15.59 13.20 -12.65
N ILE A 359 -15.44 12.40 -11.59
CA ILE A 359 -16.22 12.57 -10.36
C ILE A 359 -16.08 13.98 -9.83
N ASN A 360 -14.84 14.43 -9.64
CA ASN A 360 -14.58 15.77 -9.11
C ASN A 360 -15.09 16.89 -10.05
N GLU A 361 -14.86 16.75 -11.36
CA GLU A 361 -15.39 17.69 -12.38
C GLU A 361 -16.92 17.81 -12.27
N GLY A 362 -17.59 16.68 -12.09
CA GLY A 362 -19.03 16.60 -11.92
C GLY A 362 -19.54 17.06 -10.57
N ALA A 363 -18.73 16.87 -9.53
CA ALA A 363 -19.07 17.43 -8.21
C ALA A 363 -18.95 18.96 -8.25
N ALA A 364 -17.86 19.47 -8.83
CA ALA A 364 -17.61 20.92 -8.95
C ALA A 364 -18.68 21.66 -9.73
N PHE A 365 -19.12 21.05 -10.83
CA PHE A 365 -20.29 21.50 -11.61
C PHE A 365 -21.57 21.72 -10.78
N VAL A 366 -21.82 20.85 -9.80
CA VAL A 366 -23.01 20.95 -8.93
C VAL A 366 -22.90 22.14 -7.95
N GLU A 367 -21.70 22.37 -7.40
CA GLU A 367 -21.50 23.51 -6.50
C GLU A 367 -21.55 24.81 -7.29
N THR A 368 -20.88 24.83 -8.44
CA THR A 368 -20.91 25.97 -9.35
C THR A 368 -22.34 26.37 -9.70
N VAL A 369 -23.05 25.50 -10.41
CA VAL A 369 -24.40 25.82 -10.91
C VAL A 369 -25.42 25.88 -9.77
N PHE A 370 -25.69 24.74 -9.16
CA PHE A 370 -26.82 24.59 -8.22
C PHE A 370 -26.51 25.01 -6.78
N GLY A 371 -25.23 25.03 -6.43
CA GLY A 371 -24.79 25.31 -5.07
C GLY A 371 -24.33 26.73 -4.80
N GLY A 372 -24.43 27.62 -5.79
CA GLY A 372 -24.03 29.03 -5.58
C GLY A 372 -22.53 29.24 -5.60
N LYS A 373 -21.81 28.61 -4.67
CA LYS A 373 -20.35 28.74 -4.54
C LYS A 373 -19.61 28.05 -5.70
N PRO A 374 -18.98 28.85 -6.60
CA PRO A 374 -18.37 28.25 -7.78
C PRO A 374 -17.02 27.61 -7.48
N ARG A 375 -16.63 26.64 -8.31
CA ARG A 375 -15.31 25.99 -8.19
C ARG A 375 -14.96 25.18 -9.44
N ALA A 376 -13.66 25.16 -9.79
CA ALA A 376 -13.12 24.38 -10.92
C ALA A 376 -12.13 23.31 -10.42
N THR A 377 -12.05 22.20 -11.15
CA THR A 377 -11.25 21.03 -10.74
C THR A 377 -9.74 21.30 -10.90
N ASP A 378 -8.95 20.86 -9.92
CA ASP A 378 -7.50 21.06 -9.95
C ASP A 378 -6.79 19.89 -10.64
N HIS A 379 -6.49 20.05 -11.94
CA HIS A 379 -5.90 18.98 -12.77
C HIS A 379 -4.41 18.74 -12.58
N THR A 380 -3.72 19.63 -11.87
CA THR A 380 -2.33 19.42 -11.47
C THR A 380 -2.26 18.51 -10.24
N LYS A 381 -1.24 17.67 -10.17
CA LYS A 381 -0.94 16.84 -9.00
C LYS A 381 -2.07 15.85 -8.65
N VAL A 382 -2.66 15.33 -9.72
CA VAL A 382 -3.64 14.25 -9.65
C VAL A 382 -2.80 12.98 -9.60
N ALA A 383 -2.87 12.24 -8.50
CA ALA A 383 -2.20 10.95 -8.47
C ALA A 383 -2.99 9.94 -9.34
N CYS A 384 -2.28 8.93 -9.85
CA CYS A 384 -2.91 7.84 -10.63
C CYS A 384 -2.04 6.58 -10.68
N ALA A 385 -2.58 5.50 -11.24
CA ALA A 385 -1.91 4.20 -11.25
C ALA A 385 -2.20 3.30 -12.49
N VAL A 386 -1.26 2.39 -12.75
CA VAL A 386 -1.39 1.40 -13.82
C VAL A 386 -1.36 0.04 -13.16
N PHE A 387 -2.38 -0.80 -13.38
CA PHE A 387 -2.43 -2.11 -12.70
C PHE A 387 -1.86 -3.23 -13.55
N SER A 388 -0.62 -2.97 -13.96
CA SER A 388 0.24 -3.95 -14.59
C SER A 388 0.66 -4.94 -13.52
N ILE A 389 1.47 -5.93 -13.89
CA ILE A 389 2.08 -6.81 -12.91
C ILE A 389 3.59 -6.78 -13.14
N PRO A 390 4.36 -5.98 -12.38
CA PRO A 390 3.88 -5.20 -11.23
C PRO A 390 3.32 -3.80 -11.58
N PRO A 391 2.59 -3.18 -10.64
CA PRO A 391 1.88 -1.96 -10.94
C PRO A 391 2.71 -0.72 -10.66
N ILE A 392 2.29 0.37 -11.30
CA ILE A 392 2.91 1.70 -11.18
C ILE A 392 1.98 2.63 -10.42
N GLY A 393 2.57 3.47 -9.56
CA GLY A 393 1.89 4.62 -8.97
C GLY A 393 2.72 5.85 -9.29
N THR A 394 2.09 6.90 -9.82
CA THR A 394 2.79 8.14 -10.21
C THR A 394 1.94 9.36 -9.87
N CYS A 395 2.58 10.42 -9.39
CA CYS A 395 1.92 11.72 -9.25
C CYS A 395 2.90 12.83 -9.54
N GLY A 396 2.60 13.64 -10.55
CA GLY A 396 3.39 14.83 -10.86
C GLY A 396 4.18 14.74 -12.14
N MET A 397 5.21 15.57 -12.23
CA MET A 397 5.97 15.76 -13.49
C MET A 397 6.98 14.65 -13.77
N THR A 398 7.04 14.24 -15.03
CA THR A 398 8.10 13.32 -15.49
C THR A 398 9.38 14.11 -15.45
N GLU A 399 10.49 13.44 -15.17
CA GLU A 399 11.77 14.17 -15.03
C GLU A 399 12.19 14.93 -16.30
N GLU A 400 11.76 14.43 -17.45
CA GLU A 400 12.07 15.02 -18.75
C GLU A 400 11.40 16.37 -18.90
N GLU A 401 10.09 16.36 -18.70
CA GLU A 401 9.28 17.58 -18.83
C GLU A 401 9.51 18.56 -17.66
N ALA A 402 9.98 18.06 -16.51
CA ALA A 402 10.26 18.90 -15.35
C ALA A 402 11.46 19.82 -15.55
N ALA A 403 12.56 19.24 -16.03
CA ALA A 403 13.81 19.98 -16.31
C ALA A 403 13.68 20.93 -17.49
N LYS A 404 12.82 20.57 -18.44
CA LYS A 404 12.49 21.42 -19.56
C LYS A 404 11.68 22.63 -19.09
N ASN A 405 10.76 22.43 -18.14
CA ASN A 405 9.85 23.49 -17.67
C ASN A 405 10.46 24.36 -16.56
N TYR A 406 10.89 23.73 -15.47
CA TYR A 406 11.59 24.40 -14.36
C TYR A 406 13.08 24.49 -14.67
N GLU A 407 13.72 25.60 -14.27
CA GLU A 407 15.11 25.84 -14.66
C GLU A 407 16.09 24.80 -14.13
N THR A 408 16.16 24.70 -12.80
CA THR A 408 17.06 23.76 -12.11
C THR A 408 16.26 22.67 -11.40
N VAL A 409 16.54 21.39 -11.71
CA VAL A 409 15.89 20.25 -11.02
C VAL A 409 16.89 19.19 -10.55
N ALA A 410 16.48 18.47 -9.50
CA ALA A 410 17.27 17.41 -8.87
C ALA A 410 16.46 16.11 -8.87
N VAL A 411 17.06 15.04 -9.37
CA VAL A 411 16.38 13.76 -9.52
C VAL A 411 16.96 12.76 -8.51
N TYR A 412 16.09 12.28 -7.61
CA TYR A 412 16.43 11.27 -6.59
C TYR A 412 15.92 9.91 -7.05
N ALA A 413 16.75 8.88 -6.96
CA ALA A 413 16.31 7.54 -7.32
C ALA A 413 16.72 6.53 -6.26
N SER A 414 16.03 5.39 -6.29
CA SER A 414 16.29 4.28 -5.39
C SER A 414 15.57 3.04 -5.89
N SER A 415 16.33 2.00 -6.20
CA SER A 415 15.79 0.71 -6.57
C SER A 415 16.31 -0.27 -5.54
N PHE A 416 15.41 -1.09 -5.02
CA PHE A 416 15.77 -2.20 -4.13
C PHE A 416 14.86 -3.37 -4.42
N THR A 417 15.34 -4.57 -4.11
CA THR A 417 14.58 -5.80 -4.23
C THR A 417 14.06 -6.14 -2.84
N PRO A 418 12.74 -6.25 -2.66
CA PRO A 418 12.25 -6.51 -1.31
C PRO A 418 12.83 -7.79 -0.72
N LEU A 419 13.03 -7.77 0.60
CA LEU A 419 13.68 -8.88 1.34
C LEU A 419 13.05 -10.25 1.08
N MET A 420 11.73 -10.27 0.93
CA MET A 420 10.96 -11.49 0.68
C MET A 420 11.30 -12.21 -0.63
N HIS A 421 11.64 -11.45 -1.66
CA HIS A 421 11.93 -12.04 -2.98
C HIS A 421 13.26 -12.79 -3.10
N ASN A 422 14.04 -12.76 -2.03
CA ASN A 422 15.13 -13.71 -1.88
C ASN A 422 14.61 -15.11 -1.62
N ILE A 423 13.49 -15.24 -0.91
CA ILE A 423 12.88 -16.53 -0.64
C ILE A 423 11.90 -16.94 -1.75
N SER A 424 11.03 -16.03 -2.17
CA SER A 424 9.99 -16.34 -3.17
C SER A 424 10.58 -16.73 -4.54
N GLY A 425 11.77 -16.22 -4.81
CA GLY A 425 12.51 -16.56 -6.02
C GLY A 425 12.10 -15.70 -7.20
N SER A 426 11.36 -14.62 -6.94
CA SER A 426 11.03 -13.65 -7.97
C SER A 426 11.99 -12.48 -7.81
N LYS A 427 13.29 -12.74 -7.98
CA LYS A 427 14.31 -11.71 -7.76
C LYS A 427 14.30 -10.61 -8.82
N HIS A 428 13.59 -10.83 -9.92
CA HIS A 428 13.30 -9.77 -10.92
C HIS A 428 12.46 -8.57 -10.39
N LYS A 429 11.72 -8.74 -9.28
CA LYS A 429 10.72 -7.75 -8.81
C LYS A 429 11.31 -6.61 -7.98
N GLU A 430 11.86 -5.66 -8.71
CA GLU A 430 12.56 -4.53 -8.16
C GLU A 430 11.53 -3.47 -7.86
N PHE A 431 11.43 -3.08 -6.59
CA PHE A 431 10.63 -1.92 -6.21
C PHE A 431 11.48 -0.69 -6.45
N MET A 432 10.94 0.26 -7.23
CA MET A 432 11.64 1.49 -7.64
C MET A 432 10.87 2.73 -7.21
N ILE A 433 11.61 3.77 -6.81
CA ILE A 433 11.05 5.08 -6.47
C ILE A 433 11.92 6.14 -7.13
N ARG A 434 11.30 7.17 -7.68
CA ARG A 434 12.03 8.28 -8.28
C ARG A 434 11.33 9.60 -7.95
N ILE A 435 11.92 10.39 -7.06
CA ILE A 435 11.39 11.72 -6.77
C ILE A 435 12.08 12.74 -7.68
N ILE A 436 11.30 13.72 -8.13
CA ILE A 436 11.78 14.79 -9.01
C ILE A 436 11.39 16.13 -8.38
N THR A 437 12.40 16.89 -7.95
CA THR A 437 12.22 18.17 -7.26
C THR A 437 12.70 19.35 -8.09
N ASN A 438 12.17 20.52 -7.76
CA ASN A 438 12.78 21.79 -8.14
C ASN A 438 13.89 22.09 -7.11
N GLU A 439 15.09 22.37 -7.62
CA GLU A 439 16.30 22.44 -6.82
C GLU A 439 16.32 23.74 -6.01
N SER A 440 15.89 24.84 -6.64
CA SER A 440 15.83 26.17 -6.01
C SER A 440 15.14 26.15 -4.65
N ASN A 441 13.90 25.65 -4.65
CA ASN A 441 13.03 25.69 -3.46
C ASN A 441 12.92 24.37 -2.67
N GLY A 442 13.38 23.26 -3.28
CA GLY A 442 13.28 21.91 -2.68
C GLY A 442 11.91 21.23 -2.82
N GLU A 443 11.02 21.81 -3.64
CA GLU A 443 9.64 21.37 -3.77
C GLU A 443 9.58 20.07 -4.56
N VAL A 444 8.69 19.19 -4.15
CA VAL A 444 8.45 17.94 -4.86
C VAL A 444 7.47 18.16 -6.02
N LEU A 445 8.02 18.05 -7.23
CA LEU A 445 7.27 18.23 -8.47
C LEU A 445 6.64 16.92 -8.92
N GLY A 446 7.41 15.83 -8.84
CA GLY A 446 6.96 14.48 -9.25
C GLY A 446 7.47 13.34 -8.38
N VAL A 447 6.66 12.28 -8.25
CA VAL A 447 7.07 11.03 -7.57
C VAL A 447 6.57 9.84 -8.38
N HIS A 448 7.47 8.89 -8.62
CA HIS A 448 7.23 7.78 -9.53
C HIS A 448 7.63 6.45 -8.91
N MET A 449 6.69 5.52 -8.88
CA MET A 449 6.91 4.26 -8.19
C MET A 449 6.45 3.08 -8.99
N LEU A 450 7.33 2.09 -9.09
CA LEU A 450 7.00 0.80 -9.65
C LEU A 450 7.17 -0.23 -8.55
N GLY A 451 6.14 -1.05 -8.36
CA GLY A 451 6.21 -2.17 -7.43
C GLY A 451 4.90 -2.39 -6.72
N ASP A 452 4.80 -3.52 -6.02
CA ASP A 452 3.56 -3.90 -5.38
C ASP A 452 3.27 -2.91 -4.27
N SER A 453 1.98 -2.57 -4.15
CA SER A 453 1.46 -1.50 -3.27
C SER A 453 1.82 -0.08 -3.68
N ALA A 454 2.34 0.12 -4.88
CA ALA A 454 2.61 1.46 -5.37
C ALA A 454 1.33 2.33 -5.55
N PRO A 455 0.24 1.73 -6.09
CA PRO A 455 -1.04 2.50 -6.15
C PRO A 455 -1.59 2.94 -4.78
N GLU A 456 -1.38 2.13 -3.74
CA GLU A 456 -1.88 2.47 -2.40
C GLU A 456 -1.02 3.57 -1.80
N ILE A 457 0.30 3.45 -1.98
CA ILE A 457 1.24 4.43 -1.40
C ILE A 457 1.02 5.82 -1.99
N ILE A 458 1.02 5.89 -3.32
CA ILE A 458 0.99 7.15 -4.09
C ILE A 458 -0.16 8.09 -3.71
N GLN A 459 -1.32 7.53 -3.38
CA GLN A 459 -2.48 8.33 -3.00
C GLN A 459 -2.10 9.30 -1.91
N SER A 460 -1.55 8.76 -0.83
CA SER A 460 -1.09 9.56 0.30
C SER A 460 0.08 10.52 -0.02
N VAL A 461 0.86 10.19 -1.06
CA VAL A 461 1.85 11.12 -1.61
C VAL A 461 1.13 12.29 -2.24
N GLY A 462 0.21 12.01 -3.16
CA GLY A 462 -0.56 13.06 -3.86
C GLY A 462 -1.30 14.06 -2.99
N ILE A 463 -1.42 13.73 -1.69
CA ILE A 463 -1.90 14.64 -0.65
C ILE A 463 -0.77 15.59 -0.24
N CYS A 464 0.42 15.03 -0.01
CA CYS A 464 1.62 15.84 0.29
C CYS A 464 1.92 16.85 -0.79
N MET A 465 1.86 16.39 -2.03
CA MET A 465 2.11 17.25 -3.17
C MET A 465 0.96 18.24 -3.42
N LYS A 466 -0.28 17.90 -3.04
CA LYS A 466 -1.39 18.87 -3.05
C LYS A 466 -1.05 20.08 -2.16
N MET A 467 -0.36 19.83 -1.05
CA MET A 467 0.17 20.89 -0.19
C MET A 467 1.47 21.51 -0.72
N GLY A 468 2.11 20.82 -1.65
CA GLY A 468 3.33 21.30 -2.30
C GLY A 468 4.51 21.00 -1.41
N ALA A 469 4.51 19.79 -0.85
CA ALA A 469 5.51 19.43 0.12
C ALA A 469 6.86 19.37 -0.54
N LYS A 470 7.88 19.56 0.30
CA LYS A 470 9.28 19.59 -0.11
C LYS A 470 9.99 18.30 0.27
N ILE A 471 11.09 18.04 -0.43
CA ILE A 471 11.94 16.87 -0.18
C ILE A 471 12.46 16.86 1.26
N SER A 472 12.62 18.04 1.88
CA SER A 472 12.91 18.12 3.32
C SER A 472 11.83 17.40 4.15
N ASP A 473 10.55 17.62 3.85
CA ASP A 473 9.47 16.94 4.58
C ASP A 473 9.49 15.43 4.39
N PHE A 474 9.89 14.97 3.21
CA PHE A 474 9.91 13.53 2.86
C PHE A 474 10.93 12.76 3.66
N HIS A 475 12.21 13.03 3.45
CA HIS A 475 13.26 12.30 4.18
C HIS A 475 13.18 12.51 5.70
N SER A 476 12.87 13.74 6.12
CA SER A 476 12.81 14.08 7.56
C SER A 476 11.48 13.74 8.25
N THR A 477 10.67 12.87 7.66
CA THR A 477 9.59 12.19 8.38
C THR A 477 10.09 10.82 8.84
N ILE A 478 9.60 10.35 9.99
CA ILE A 478 10.11 9.11 10.61
C ILE A 478 9.54 7.91 9.85
N GLY A 479 10.25 6.78 9.88
CA GLY A 479 9.89 5.59 9.11
C GLY A 479 8.90 4.60 9.73
N VAL A 480 8.31 3.80 8.83
CA VAL A 480 7.40 2.68 9.16
C VAL A 480 8.09 1.42 8.69
N HIS A 481 8.91 0.84 9.56
CA HIS A 481 9.73 -0.32 9.21
C HIS A 481 8.95 -1.61 9.59
N PRO A 482 8.89 -2.65 8.72
CA PRO A 482 9.45 -2.68 7.36
C PRO A 482 8.40 -2.53 6.24
N THR A 483 8.59 -1.54 5.37
CA THR A 483 7.72 -1.31 4.21
C THR A 483 8.52 -0.95 2.97
N SER A 484 7.86 -0.87 1.83
CA SER A 484 8.42 -0.27 0.61
C SER A 484 8.36 1.24 0.75
N ALA A 485 7.28 1.75 1.34
CA ALA A 485 7.08 3.18 1.50
C ALA A 485 8.12 3.88 2.38
N GLU A 486 8.72 3.17 3.35
CA GLU A 486 9.78 3.77 4.22
C GLU A 486 11.02 4.28 3.45
N GLU A 487 11.22 3.78 2.22
CA GLU A 487 12.28 4.26 1.33
C GLU A 487 11.90 5.57 0.56
N LEU A 488 10.79 6.21 0.94
CA LEU A 488 10.53 7.62 0.59
C LEU A 488 11.22 8.57 1.58
N CYS A 489 11.31 8.11 2.83
CA CYS A 489 11.86 8.92 3.91
C CYS A 489 13.35 8.70 4.16
N SER A 490 14.04 8.07 3.20
CA SER A 490 15.50 7.90 3.20
C SER A 490 16.18 8.63 2.03
N MET A 491 15.41 9.30 1.17
CA MET A 491 15.87 9.83 -0.14
C MET A 491 16.44 11.27 0.01
N ARG A 492 17.77 11.36 0.12
CA ARG A 492 18.41 12.55 0.65
C ARG A 492 19.32 13.28 -0.33
N THR A 493 20.24 12.56 -0.96
CA THR A 493 21.20 13.15 -1.88
C THR A 493 20.87 12.73 -3.32
N PRO A 494 20.56 13.70 -4.21
CA PRO A 494 20.21 13.40 -5.62
C PRO A 494 21.24 12.56 -6.36
N ALA A 495 20.77 11.56 -7.10
CA ALA A 495 21.60 10.74 -7.97
C ALA A 495 22.22 11.59 -9.10
N TYR A 496 21.47 12.61 -9.57
CA TYR A 496 21.94 13.58 -10.56
C TYR A 496 20.94 14.73 -10.68
N PHE A 497 21.27 15.74 -11.49
CA PHE A 497 20.47 16.98 -11.66
C PHE A 497 20.19 17.32 -13.15
N TYR A 498 19.37 18.35 -13.35
CA TYR A 498 19.28 19.04 -14.63
C TYR A 498 19.43 20.56 -14.42
N GLU A 499 20.37 21.17 -15.17
CA GLU A 499 20.65 22.62 -15.15
C GLU A 499 20.18 23.25 -16.47
N SER A 500 19.03 23.93 -16.44
CA SER A 500 18.40 24.55 -17.63
C SER A 500 18.09 23.56 -18.79
N GLY A 501 17.48 22.42 -18.43
CA GLY A 501 17.10 21.36 -19.39
C GLY A 501 18.23 20.48 -19.93
N LYS A 502 19.33 20.40 -19.17
CA LYS A 502 20.60 19.78 -19.60
C LYS A 502 21.02 18.71 -18.60
N ARG A 503 21.09 17.45 -19.03
CA ARG A 503 21.34 16.35 -18.08
C ARG A 503 22.71 16.54 -17.43
N VAL A 504 22.69 16.91 -16.15
CA VAL A 504 23.86 17.49 -15.47
C VAL A 504 24.19 16.78 -14.16
N GLU A 505 25.47 16.85 -13.78
CA GLU A 505 25.94 16.42 -12.46
C GLU A 505 26.10 17.63 -11.52
N LYS A 506 26.64 18.74 -12.05
CA LYS A 506 26.65 20.05 -11.37
C LYS A 506 26.92 21.22 -12.34
N SER B 22 44.32 11.74 22.23
CA SER B 22 44.11 11.31 23.64
C SER B 22 43.66 9.85 23.60
N ARG B 23 42.46 9.60 23.04
CA ARG B 23 41.77 8.30 23.19
C ARG B 23 41.87 7.40 21.94
N ALA B 24 41.88 6.09 22.20
CA ALA B 24 42.08 5.07 21.18
C ALA B 24 40.87 4.85 20.24
N TYR B 25 39.68 5.27 20.69
CA TYR B 25 38.45 5.32 19.89
C TYR B 25 37.73 6.60 20.24
N ASP B 26 37.32 7.36 19.23
CA ASP B 26 36.45 8.54 19.45
C ASP B 26 35.03 8.19 19.94
N LEU B 27 34.61 6.94 19.77
CA LEU B 27 33.35 6.44 20.32
C LEU B 27 33.32 4.91 20.37
N VAL B 28 32.75 4.38 21.45
CA VAL B 28 32.37 2.97 21.55
C VAL B 28 30.82 2.89 21.56
N VAL B 29 30.25 2.01 20.74
CA VAL B 29 28.84 1.63 20.86
C VAL B 29 28.81 0.31 21.61
N LEU B 30 28.04 0.29 22.70
CA LEU B 30 27.58 -0.97 23.27
C LEU B 30 26.33 -1.34 22.49
N GLY B 31 26.40 -2.47 21.79
CA GLY B 31 25.27 -2.99 21.02
C GLY B 31 25.28 -2.59 19.55
N ALA B 32 25.47 -3.59 18.68
CA ALA B 32 25.45 -3.39 17.23
C ALA B 32 24.00 -3.43 16.75
N GLY B 33 23.26 -2.39 17.13
CA GLY B 33 21.83 -2.29 16.92
C GLY B 33 21.45 -1.46 15.72
N SER B 34 20.18 -1.57 15.31
CA SER B 34 19.60 -0.70 14.28
C SER B 34 19.98 0.76 14.55
N GLY B 35 19.85 1.18 15.82
CA GLY B 35 20.34 2.47 16.29
C GLY B 35 21.85 2.56 16.42
N GLY B 36 22.45 1.54 17.05
CA GLY B 36 23.89 1.48 17.19
C GLY B 36 24.70 1.59 15.89
N LEU B 37 24.51 0.65 14.96
CA LEU B 37 25.24 0.64 13.68
C LEU B 37 25.10 1.97 12.98
N GLU B 38 23.87 2.42 12.77
CA GLU B 38 23.59 3.72 12.15
C GLU B 38 24.48 4.82 12.73
N ALA B 39 24.52 4.90 14.06
CA ALA B 39 25.36 5.88 14.74
C ALA B 39 26.84 5.62 14.42
N GLY B 40 27.31 4.42 14.77
CA GLY B 40 28.69 4.02 14.57
C GLY B 40 29.18 4.20 13.14
N TRP B 41 28.39 3.74 12.18
CA TRP B 41 28.64 3.97 10.75
C TRP B 41 28.78 5.46 10.46
N ASN B 42 27.75 6.24 10.79
CA ASN B 42 27.75 7.68 10.42
C ASN B 42 28.94 8.45 10.97
N ALA B 43 29.21 8.26 12.26
CA ALA B 43 30.40 8.84 12.92
C ALA B 43 31.72 8.46 12.22
N ALA B 44 31.82 7.20 11.82
CA ALA B 44 33.01 6.69 11.15
C ALA B 44 33.18 7.15 9.71
N VAL B 45 32.08 7.45 9.02
CA VAL B 45 32.12 7.69 7.57
C VAL B 45 31.98 9.17 7.26
N THR B 46 30.85 9.75 7.65
CA THR B 46 30.57 11.15 7.38
C THR B 46 31.48 12.07 8.23
N HIS B 47 31.90 11.61 9.42
CA HIS B 47 32.83 12.38 10.27
C HIS B 47 34.21 11.78 10.50
N LYS B 48 34.49 10.60 9.95
CA LYS B 48 35.83 9.97 10.01
C LYS B 48 36.37 9.71 11.43
N LYS B 49 35.48 9.56 12.41
CA LYS B 49 35.92 9.28 13.79
C LYS B 49 36.35 7.81 13.90
N LYS B 50 37.17 7.51 14.92
CA LYS B 50 37.55 6.12 15.18
C LYS B 50 36.51 5.53 16.10
N VAL B 51 35.83 4.49 15.62
CA VAL B 51 34.60 3.98 16.24
C VAL B 51 34.65 2.47 16.36
N ALA B 52 34.28 2.00 17.55
CA ALA B 52 34.22 0.58 17.87
C ALA B 52 32.79 0.24 18.19
N VAL B 53 32.36 -0.96 17.81
CA VAL B 53 31.00 -1.43 18.03
C VAL B 53 31.06 -2.78 18.72
N VAL B 54 30.46 -2.89 19.89
CA VAL B 54 30.52 -4.14 20.63
C VAL B 54 29.20 -4.85 20.45
N ASP B 55 29.22 -6.16 20.25
CA ASP B 55 28.00 -7.00 20.29
C ASP B 55 28.38 -8.39 20.78
N VAL B 56 27.39 -9.22 21.04
CA VAL B 56 27.64 -10.47 21.71
C VAL B 56 27.89 -11.62 20.72
N GLN B 57 27.42 -11.46 19.48
CA GLN B 57 27.85 -12.34 18.37
C GLN B 57 27.73 -11.73 16.96
N ALA B 58 28.28 -12.42 15.96
CA ALA B 58 28.32 -11.93 14.59
C ALA B 58 27.18 -12.44 13.73
N THR B 59 26.83 -13.73 13.86
CA THR B 59 25.68 -14.33 13.17
C THR B 59 24.50 -14.54 14.13
N HIS B 60 23.30 -14.57 13.56
CA HIS B 60 22.06 -14.76 14.32
C HIS B 60 22.04 -16.10 15.01
N GLY B 61 21.09 -16.23 15.93
CA GLY B 61 20.71 -17.54 16.52
C GLY B 61 21.00 -17.69 18.00
N PRO B 62 20.51 -18.80 18.60
CA PRO B 62 20.74 -19.03 20.02
C PRO B 62 22.22 -19.36 20.30
N PRO B 63 22.69 -19.25 21.55
CA PRO B 63 21.88 -18.92 22.74
C PRO B 63 21.48 -17.43 22.90
N LEU B 64 22.20 -16.55 22.20
CA LEU B 64 22.12 -15.10 22.44
C LEU B 64 21.03 -14.41 21.61
N PHE B 65 20.70 -15.01 20.45
CA PHE B 65 19.63 -14.56 19.52
C PHE B 65 20.02 -13.28 18.77
N ALA B 66 20.10 -12.18 19.51
CA ALA B 66 20.56 -10.90 18.99
C ALA B 66 22.00 -11.00 18.48
N ALA B 67 22.31 -10.26 17.42
CA ALA B 67 23.66 -10.31 16.84
C ALA B 67 23.99 -9.01 16.08
N LEU B 68 25.05 -9.03 15.28
CA LEU B 68 25.37 -7.94 14.35
C LEU B 68 24.10 -7.55 13.59
N GLY B 69 23.73 -6.26 13.64
CA GLY B 69 22.47 -5.77 13.03
C GLY B 69 21.32 -5.45 14.00
N GLY B 70 21.36 -6.01 15.20
CA GLY B 70 20.42 -5.66 16.26
C GLY B 70 19.35 -6.70 16.44
N THR B 71 18.38 -6.37 17.28
CA THR B 71 17.24 -7.24 17.53
C THR B 71 16.37 -7.24 16.25
N CYS B 72 16.28 -6.12 15.53
CA CYS B 72 15.39 -6.04 14.36
C CYS B 72 15.84 -6.99 13.25
N VAL B 73 17.14 -6.97 12.97
CA VAL B 73 17.69 -7.74 11.85
C VAL B 73 17.66 -9.24 12.12
N ASN B 74 18.00 -9.66 13.32
CA ASN B 74 18.23 -11.08 13.63
C ASN B 74 17.01 -11.81 14.20
N VAL B 75 16.27 -11.14 15.09
CA VAL B 75 15.11 -11.77 15.78
C VAL B 75 13.93 -10.79 15.92
N GLY B 76 13.61 -10.13 14.80
CA GLY B 76 12.58 -9.09 14.76
C GLY B 76 12.16 -8.75 13.32
N CYS B 77 12.11 -7.45 12.99
CA CYS B 77 11.44 -7.02 11.75
C CYS B 77 11.70 -7.85 10.50
N VAL B 78 12.91 -8.36 10.33
CA VAL B 78 13.23 -9.13 9.12
C VAL B 78 12.66 -10.58 9.16
N PRO B 79 13.16 -11.45 10.05
CA PRO B 79 12.64 -12.82 10.03
C PRO B 79 11.13 -12.86 10.23
N LYS B 80 10.62 -12.00 11.12
CA LYS B 80 9.20 -11.93 11.45
C LYS B 80 8.42 -11.72 10.19
N LYS B 81 8.73 -10.62 9.51
CA LYS B 81 8.03 -10.24 8.31
C LYS B 81 8.02 -11.38 7.26
N LEU B 82 9.13 -12.10 7.14
CA LEU B 82 9.21 -13.22 6.17
C LEU B 82 8.19 -14.31 6.49
N MET B 83 8.16 -14.70 7.75
CA MET B 83 7.18 -15.68 8.24
C MET B 83 5.72 -15.20 8.02
N VAL B 84 5.48 -13.92 8.33
CA VAL B 84 4.16 -13.32 8.11
C VAL B 84 3.76 -13.40 6.63
N THR B 85 4.73 -13.17 5.74
CA THR B 85 4.46 -13.24 4.30
C THR B 85 4.23 -14.68 3.87
N GLY B 86 4.86 -15.61 4.60
CA GLY B 86 4.59 -17.02 4.44
C GLY B 86 3.19 -17.36 4.89
N ALA B 87 2.85 -16.95 6.11
CA ALA B 87 1.55 -17.27 6.69
C ALA B 87 0.38 -16.75 5.88
N GLN B 88 0.57 -15.62 5.20
CA GLN B 88 -0.46 -15.06 4.31
C GLN B 88 -0.82 -16.00 3.18
N TYR B 89 0.17 -16.69 2.63
CA TYR B 89 -0.08 -17.56 1.49
C TYR B 89 -1.23 -18.52 1.78
N MET B 90 -1.41 -18.93 3.04
CA MET B 90 -2.59 -19.70 3.46
C MET B 90 -3.90 -19.12 2.94
N ASP B 91 -4.13 -17.86 3.23
CA ASP B 91 -5.34 -17.15 2.79
C ASP B 91 -5.36 -17.03 1.26
N LEU B 92 -4.23 -16.62 0.69
CA LEU B 92 -4.12 -16.26 -0.72
C LEU B 92 -4.27 -17.46 -1.65
N ILE B 93 -3.76 -18.61 -1.19
CA ILE B 93 -4.04 -19.86 -1.85
C ILE B 93 -5.54 -20.09 -1.81
N ARG B 94 -6.10 -20.15 -0.61
CA ARG B 94 -7.55 -20.35 -0.39
C ARG B 94 -8.39 -19.36 -1.21
N GLU B 95 -8.03 -18.08 -1.16
CA GLU B 95 -8.75 -17.02 -1.85
C GLU B 95 -8.77 -17.24 -3.37
N SER B 96 -7.69 -17.79 -3.92
CA SER B 96 -7.48 -17.89 -5.37
C SER B 96 -8.57 -18.69 -6.08
N GLY B 97 -9.11 -19.70 -5.41
CA GLY B 97 -10.14 -20.57 -5.98
C GLY B 97 -11.36 -19.84 -6.55
N GLY B 98 -11.79 -18.77 -5.87
CA GLY B 98 -12.87 -17.91 -6.34
C GLY B 98 -12.60 -17.28 -7.70
N PHE B 99 -11.32 -17.01 -8.01
CA PHE B 99 -10.90 -16.50 -9.34
C PHE B 99 -10.51 -17.61 -10.32
N GLY B 100 -10.86 -18.86 -9.99
CA GLY B 100 -10.68 -20.00 -10.86
C GLY B 100 -9.32 -20.67 -10.82
N TRP B 101 -8.62 -20.55 -9.69
CA TRP B 101 -7.37 -21.26 -9.50
C TRP B 101 -7.65 -22.59 -8.79
N GLU B 102 -7.84 -23.61 -9.61
CA GLU B 102 -8.20 -24.95 -9.16
C GLU B 102 -6.94 -25.76 -8.88
N MET B 103 -6.96 -26.58 -7.83
CA MET B 103 -5.80 -27.41 -7.45
C MET B 103 -6.12 -28.40 -6.32
N ASP B 104 -5.12 -29.21 -5.98
CA ASP B 104 -5.20 -30.16 -4.85
C ASP B 104 -5.25 -29.47 -3.47
N ARG B 105 -6.47 -29.34 -2.92
CA ARG B 105 -6.70 -28.82 -1.54
C ARG B 105 -6.54 -29.88 -0.42
N GLU B 106 -6.30 -31.14 -0.81
CA GLU B 106 -5.97 -32.19 0.14
C GLU B 106 -4.62 -31.91 0.84
N SER B 107 -3.58 -31.57 0.08
CA SER B 107 -2.27 -31.11 0.64
C SER B 107 -2.37 -29.69 1.25
N LEU B 108 -3.12 -29.63 2.35
CA LEU B 108 -3.62 -28.40 2.97
C LEU B 108 -2.51 -27.70 3.76
N CYS B 109 -1.47 -28.46 4.13
CA CYS B 109 -0.48 -28.04 5.11
C CYS B 109 0.85 -27.58 4.53
N PRO B 110 1.47 -26.55 5.16
CA PRO B 110 2.76 -26.06 4.71
C PRO B 110 3.91 -26.81 5.36
N ASN B 111 5.13 -26.39 5.02
CA ASN B 111 6.36 -26.96 5.59
C ASN B 111 7.15 -25.89 6.34
N TRP B 112 7.04 -25.92 7.66
CA TRP B 112 7.75 -25.04 8.58
C TRP B 112 9.23 -25.12 8.41
N LYS B 113 9.71 -26.34 8.16
CA LYS B 113 11.13 -26.63 8.04
C LYS B 113 11.69 -25.81 6.87
N THR B 114 11.07 -25.92 5.69
CA THR B 114 11.58 -25.21 4.50
C THR B 114 11.44 -23.71 4.58
N LEU B 115 10.60 -23.23 5.51
CA LEU B 115 10.47 -21.78 5.80
C LEU B 115 11.58 -21.28 6.71
N ILE B 116 11.79 -21.97 7.82
CA ILE B 116 12.84 -21.58 8.75
C ILE B 116 14.18 -21.62 8.03
N ALA B 117 14.38 -22.69 7.28
CA ALA B 117 15.61 -22.89 6.51
C ALA B 117 15.82 -21.69 5.62
N ALA B 118 14.86 -21.46 4.74
CA ALA B 118 14.91 -20.34 3.80
C ALA B 118 15.01 -18.97 4.48
N LYS B 119 14.42 -18.83 5.66
CA LYS B 119 14.58 -17.64 6.50
C LYS B 119 16.02 -17.51 6.97
N ASN B 120 16.59 -18.58 7.52
CA ASN B 120 17.93 -18.49 8.12
C ASN B 120 18.97 -17.98 7.12
N LYS B 121 19.03 -18.66 5.98
CA LYS B 121 19.80 -18.23 4.80
C LYS B 121 19.81 -16.71 4.62
N VAL B 122 18.60 -16.14 4.58
CA VAL B 122 18.35 -14.70 4.33
C VAL B 122 18.85 -13.79 5.45
N VAL B 123 18.54 -14.15 6.69
CA VAL B 123 19.04 -13.41 7.85
C VAL B 123 20.56 -13.54 7.93
N ASN B 124 21.06 -14.75 7.64
CA ASN B 124 22.49 -15.04 7.65
C ASN B 124 23.26 -14.18 6.69
N SER B 125 22.75 -14.06 5.48
CA SER B 125 23.43 -13.28 4.45
C SER B 125 23.52 -11.79 4.82
N ILE B 126 22.68 -11.31 5.73
CA ILE B 126 22.86 -9.95 6.27
C ILE B 126 24.06 -9.89 7.23
N ASN B 127 24.16 -10.87 8.11
CA ASN B 127 25.30 -10.93 9.00
C ASN B 127 26.63 -10.94 8.24
N GLU B 128 26.66 -11.67 7.12
CA GLU B 128 27.78 -11.62 6.17
C GLU B 128 27.89 -10.21 5.64
N SER B 129 26.79 -9.71 5.11
CA SER B 129 26.73 -8.37 4.54
C SER B 129 27.33 -7.34 5.49
N TYR B 130 27.06 -7.49 6.78
CA TYR B 130 27.59 -6.58 7.78
C TYR B 130 29.04 -6.82 8.15
N LYS B 131 29.49 -8.07 8.25
CA LYS B 131 30.91 -8.35 8.57
C LYS B 131 31.80 -7.58 7.61
N SER B 132 31.52 -7.74 6.31
CA SER B 132 32.33 -7.10 5.28
C SER B 132 32.10 -5.58 5.18
N MET B 133 31.10 -5.03 5.85
CA MET B 133 31.05 -3.59 6.04
C MET B 133 32.16 -3.09 6.95
N PHE B 134 32.34 -3.74 8.10
CA PHE B 134 33.39 -3.35 9.06
C PHE B 134 34.80 -3.54 8.49
N ALA B 135 34.96 -4.64 7.75
CA ALA B 135 36.15 -4.89 6.98
C ALA B 135 36.36 -3.72 6.03
N ASP B 136 35.37 -3.45 5.17
CA ASP B 136 35.47 -2.38 4.13
C ASP B 136 35.49 -0.94 4.67
N THR B 137 35.05 -0.72 5.90
CA THR B 137 35.07 0.62 6.52
C THR B 137 36.25 0.77 7.51
N GLU B 138 37.10 1.76 7.19
CA GLU B 138 38.20 2.19 8.03
C GLU B 138 37.64 3.13 9.09
N GLY B 139 38.08 2.95 10.33
CA GLY B 139 37.50 3.64 11.47
C GLY B 139 36.53 2.73 12.21
N LEU B 140 35.70 2.03 11.44
CA LEU B 140 34.77 1.06 12.00
C LEU B 140 35.41 -0.31 12.28
N SER B 141 35.20 -0.76 13.52
CA SER B 141 35.73 -2.02 14.03
C SER B 141 34.68 -2.72 14.93
N PHE B 142 34.43 -4.00 14.67
CA PHE B 142 33.51 -4.81 15.49
C PHE B 142 34.28 -5.58 16.59
N HIS B 143 33.72 -5.67 17.80
CA HIS B 143 34.40 -6.29 18.95
C HIS B 143 33.50 -7.23 19.74
N MET B 144 33.63 -8.54 19.50
CA MET B 144 32.65 -9.51 20.00
C MET B 144 32.85 -9.87 21.48
N GLY B 145 31.86 -9.54 22.29
CA GLY B 145 31.84 -9.89 23.73
C GLY B 145 30.72 -9.19 24.47
N PHE B 146 30.79 -9.20 25.80
CA PHE B 146 29.82 -8.47 26.62
C PHE B 146 30.40 -7.15 27.05
N GLY B 147 29.86 -6.07 26.50
CA GLY B 147 30.24 -4.71 26.90
C GLY B 147 29.82 -4.39 28.33
N ALA B 148 30.65 -3.61 29.01
CA ALA B 148 30.44 -3.24 30.40
C ALA B 148 31.20 -1.95 30.67
N LEU B 149 30.59 -1.00 31.37
CA LEU B 149 31.28 0.26 31.69
C LEU B 149 32.26 0.01 32.84
N GLN B 150 33.53 0.38 32.62
CA GLN B 150 34.57 0.39 33.65
C GLN B 150 34.46 1.73 34.37
N ASP B 151 34.43 2.80 33.56
CA ASP B 151 34.25 4.17 34.04
C ASP B 151 33.72 5.05 32.88
N ALA B 152 33.74 6.36 33.06
CA ALA B 152 33.16 7.28 32.08
C ALA B 152 33.79 7.26 30.68
N HIS B 153 35.03 6.82 30.56
CA HIS B 153 35.69 6.77 29.26
C HIS B 153 36.18 5.39 28.83
N THR B 154 36.02 4.39 29.69
CA THR B 154 36.53 3.06 29.43
C THR B 154 35.38 2.10 29.34
N VAL B 155 35.52 1.10 28.47
CA VAL B 155 34.52 0.05 28.26
C VAL B 155 35.22 -1.30 28.23
N VAL B 156 34.99 -2.12 29.26
CA VAL B 156 35.52 -3.47 29.30
C VAL B 156 34.65 -4.37 28.42
N VAL B 157 35.32 -5.28 27.69
CA VAL B 157 34.67 -6.36 26.94
C VAL B 157 35.09 -7.69 27.58
N ARG B 158 34.12 -8.57 27.81
CA ARG B 158 34.34 -9.83 28.53
C ARG B 158 33.72 -10.97 27.72
N LYS B 159 34.32 -12.15 27.79
CA LYS B 159 33.82 -13.28 26.98
C LYS B 159 32.50 -13.80 27.50
N SER B 160 32.39 -13.97 28.82
CA SER B 160 31.22 -14.55 29.45
C SER B 160 30.30 -13.48 30.02
N GLU B 161 29.03 -13.87 30.19
CA GLU B 161 28.02 -13.01 30.80
C GLU B 161 28.29 -12.82 32.29
N ASP B 162 28.93 -13.80 32.92
CA ASP B 162 29.49 -13.61 34.26
C ASP B 162 30.41 -12.38 34.27
N PRO B 163 30.10 -11.34 35.10
CA PRO B 163 30.96 -10.14 35.13
C PRO B 163 32.41 -10.34 35.56
N HIS B 164 32.65 -11.40 36.33
CA HIS B 164 33.99 -11.78 36.76
C HIS B 164 34.82 -12.58 35.72
N SER B 165 34.30 -12.77 34.50
CA SER B 165 34.96 -13.66 33.52
C SER B 165 36.23 -13.06 32.93
N ASP B 166 36.91 -13.85 32.09
CA ASP B 166 38.04 -13.39 31.30
C ASP B 166 37.72 -12.09 30.55
N VAL B 167 38.68 -11.17 30.59
CA VAL B 167 38.55 -9.82 30.04
C VAL B 167 39.20 -9.85 28.64
N LEU B 168 38.41 -9.59 27.60
CA LEU B 168 38.88 -9.79 26.22
C LEU B 168 39.54 -8.58 25.59
N GLU B 169 38.99 -7.39 25.87
CA GLU B 169 39.56 -6.11 25.43
C GLU B 169 39.22 -5.04 26.43
N THR B 170 39.89 -3.89 26.36
CA THR B 170 39.55 -2.75 27.23
C THR B 170 39.62 -1.45 26.43
N LEU B 171 38.46 -1.03 25.94
CA LEU B 171 38.36 0.08 24.99
C LEU B 171 38.30 1.42 25.71
N ASP B 172 39.10 2.36 25.23
CA ASP B 172 39.24 3.69 25.80
C ASP B 172 38.64 4.72 24.83
N THR B 173 37.84 5.66 25.33
CA THR B 173 37.08 6.51 24.43
C THR B 173 36.53 7.83 24.97
N GLU B 174 36.45 8.81 24.06
CA GLU B 174 35.84 10.13 24.32
C GLU B 174 34.39 10.00 24.70
N TYR B 175 33.61 9.30 23.88
CA TYR B 175 32.16 9.20 24.00
C TYR B 175 31.72 7.74 23.97
N ILE B 176 30.71 7.42 24.78
CA ILE B 176 30.10 6.08 24.84
C ILE B 176 28.59 6.18 24.49
N LEU B 177 28.09 5.26 23.67
CA LEU B 177 26.68 5.22 23.27
C LEU B 177 26.11 3.87 23.65
N ILE B 178 24.95 3.86 24.32
CA ILE B 178 24.33 2.60 24.76
C ILE B 178 23.11 2.24 23.90
N ALA B 179 23.33 1.32 22.95
CA ALA B 179 22.28 0.85 22.04
C ALA B 179 22.10 -0.65 22.23
N THR B 180 21.92 -1.06 23.49
CA THR B 180 21.80 -2.48 23.84
C THR B 180 20.35 -2.99 23.77
N GLY B 181 19.40 -2.10 23.48
CA GLY B 181 18.06 -2.53 23.13
C GLY B 181 17.29 -3.08 24.32
N SER B 182 16.63 -4.23 24.12
CA SER B 182 15.68 -4.76 25.10
C SER B 182 15.59 -6.27 25.09
N TRP B 183 14.96 -6.81 26.13
CA TRP B 183 14.89 -8.26 26.38
C TRP B 183 13.48 -8.69 26.81
N PRO B 184 13.02 -9.91 26.41
CA PRO B 184 11.62 -10.26 26.68
C PRO B 184 11.30 -10.32 28.17
N THR B 185 10.18 -9.71 28.56
CA THR B 185 9.67 -9.75 29.93
C THR B 185 9.09 -11.14 30.14
N ARG B 186 9.53 -11.79 31.20
CA ARG B 186 8.98 -13.06 31.61
C ARG B 186 7.81 -12.80 32.56
N LEU B 187 6.94 -13.79 32.75
CA LEU B 187 6.00 -13.77 33.89
C LEU B 187 6.51 -14.77 34.92
N GLY B 188 6.73 -14.29 36.14
CA GLY B 188 7.25 -15.10 37.25
C GLY B 188 6.19 -16.02 37.82
N VAL B 189 6.06 -17.19 37.20
CA VAL B 189 4.97 -18.11 37.46
C VAL B 189 5.56 -19.51 37.53
N PRO B 190 5.04 -20.37 38.41
CA PRO B 190 5.50 -21.76 38.37
C PRO B 190 5.34 -22.39 36.98
N GLY B 191 6.43 -22.88 36.41
CA GLY B 191 6.43 -23.42 35.04
C GLY B 191 6.87 -22.46 33.93
N ASP B 192 7.30 -21.26 34.30
CA ASP B 192 7.77 -20.25 33.34
C ASP B 192 8.91 -20.79 32.46
N GLU B 193 9.81 -21.57 33.06
CA GLU B 193 10.94 -22.22 32.36
C GLU B 193 10.53 -22.96 31.07
N PHE B 194 9.35 -23.58 31.09
CA PHE B 194 8.86 -24.42 29.97
C PHE B 194 8.22 -23.60 28.82
N CYS B 195 8.07 -22.29 29.01
CA CYS B 195 7.55 -21.40 27.97
C CYS B 195 8.68 -20.93 27.03
N ILE B 196 8.30 -20.25 25.95
CA ILE B 196 9.26 -19.62 25.02
C ILE B 196 8.92 -18.13 24.84
N THR B 197 9.74 -17.41 24.08
CA THR B 197 9.52 -15.99 23.75
C THR B 197 9.61 -15.78 22.25
N SER B 198 9.42 -14.53 21.80
CA SER B 198 9.71 -14.17 20.40
C SER B 198 11.04 -14.80 19.92
N ASN B 199 12.10 -14.59 20.70
CA ASN B 199 13.46 -15.06 20.40
C ASN B 199 13.56 -16.55 20.06
N GLU B 200 12.96 -17.40 20.89
CA GLU B 200 12.99 -18.86 20.68
C GLU B 200 12.06 -19.30 19.57
N ALA B 201 11.00 -18.54 19.36
CA ALA B 201 9.99 -18.86 18.35
C ALA B 201 10.59 -19.02 16.98
N PHE B 202 11.56 -18.16 16.68
CA PHE B 202 12.24 -18.12 15.39
C PHE B 202 13.07 -19.35 15.03
N TYR B 203 13.53 -20.08 16.05
CA TYR B 203 14.35 -21.29 15.85
C TYR B 203 13.67 -22.52 16.41
N LEU B 204 12.34 -22.56 16.35
CA LEU B 204 11.58 -23.78 16.70
C LEU B 204 11.79 -24.84 15.64
N GLU B 205 11.92 -26.08 16.09
CA GLU B 205 12.24 -27.18 15.19
C GLU B 205 11.09 -27.44 14.24
N ASP B 206 9.91 -27.63 14.83
CA ASP B 206 8.68 -27.95 14.09
C ASP B 206 7.59 -26.93 14.38
N ALA B 207 6.56 -26.94 13.55
CA ALA B 207 5.42 -26.05 13.72
C ALA B 207 4.56 -26.55 14.86
N PRO B 208 4.24 -25.68 15.85
CA PRO B 208 3.36 -26.15 16.92
C PRO B 208 1.92 -26.42 16.42
N LYS B 209 1.42 -27.61 16.71
CA LYS B 209 0.03 -27.99 16.39
C LYS B 209 -0.94 -27.25 17.27
N ARG B 210 -0.76 -27.44 18.57
CA ARG B 210 -1.61 -26.83 19.57
C ARG B 210 -0.78 -25.72 20.20
N MET B 211 -1.09 -24.48 19.86
CA MET B 211 -0.28 -23.32 20.24
C MET B 211 -1.00 -22.36 21.19
N LEU B 212 -0.26 -21.77 22.12
CA LEU B 212 -0.80 -20.72 23.00
C LEU B 212 0.08 -19.50 23.00
N CYS B 213 -0.35 -18.44 22.31
CA CYS B 213 0.34 -17.15 22.40
C CYS B 213 -0.23 -16.40 23.59
N VAL B 214 0.62 -16.03 24.55
CA VAL B 214 0.18 -15.28 25.73
C VAL B 214 0.52 -13.81 25.58
N GLY B 215 -0.45 -12.96 25.96
CA GLY B 215 -0.30 -11.52 25.96
C GLY B 215 -1.08 -10.90 24.81
N GLY B 216 -1.08 -9.57 24.75
CA GLY B 216 -1.79 -8.84 23.69
C GLY B 216 -1.00 -7.64 23.20
N GLY B 217 0.31 -7.84 23.04
CA GLY B 217 1.20 -6.87 22.41
C GLY B 217 1.29 -7.13 20.92
N TYR B 218 1.93 -6.24 20.17
CA TYR B 218 2.02 -6.41 18.70
C TYR B 218 2.72 -7.70 18.33
N ILE B 219 3.68 -8.14 19.16
CA ILE B 219 4.35 -9.44 18.97
C ILE B 219 3.34 -10.57 19.14
N ALA B 220 2.67 -10.57 20.28
CA ALA B 220 1.66 -11.60 20.58
C ALA B 220 0.79 -11.91 19.35
N VAL B 221 0.31 -10.83 18.73
CA VAL B 221 -0.64 -10.90 17.63
C VAL B 221 0.03 -11.32 16.33
N GLU B 222 1.16 -10.70 16.02
CA GLU B 222 1.87 -11.02 14.78
C GLU B 222 2.08 -12.54 14.72
N PHE B 223 2.60 -13.09 15.82
CA PHE B 223 2.96 -14.49 15.94
C PHE B 223 1.75 -15.42 15.91
N ALA B 224 0.70 -15.07 16.64
CA ALA B 224 -0.54 -15.82 16.51
C ALA B 224 -0.91 -15.97 15.03
N GLY B 225 -0.81 -14.89 14.27
CA GLY B 225 -0.91 -14.90 12.80
C GLY B 225 -0.03 -15.95 12.13
N ILE B 226 1.28 -15.92 12.43
CA ILE B 226 2.28 -16.87 11.87
C ILE B 226 1.97 -18.34 12.13
N PHE B 227 1.83 -18.70 13.42
CA PHE B 227 1.59 -20.09 13.82
C PHE B 227 0.30 -20.66 13.27
N ASN B 228 -0.71 -19.79 13.16
CA ASN B 228 -2.01 -20.10 12.57
C ASN B 228 -1.92 -20.40 11.07
N GLY B 229 -0.95 -19.79 10.40
CA GLY B 229 -0.63 -20.09 9.00
C GLY B 229 0.11 -21.41 8.83
N TYR B 230 1.04 -21.68 9.75
CA TYR B 230 1.94 -22.85 9.70
C TYR B 230 1.55 -24.03 10.60
N LYS B 231 0.37 -23.96 11.22
CA LYS B 231 -0.13 -25.10 12.01
C LYS B 231 -0.32 -26.34 11.12
N PRO B 232 0.06 -27.53 11.63
CA PRO B 232 -0.31 -28.77 10.95
C PRO B 232 -1.82 -28.99 10.90
N CYS B 233 -2.29 -29.66 9.84
CA CYS B 233 -3.71 -29.84 9.58
C CYS B 233 -4.32 -30.63 10.72
N GLY B 234 -5.12 -29.93 11.53
CA GLY B 234 -5.63 -30.49 12.78
C GLY B 234 -5.24 -29.68 14.01
N GLY B 235 -4.30 -28.76 13.83
CA GLY B 235 -3.87 -27.85 14.89
C GLY B 235 -4.72 -26.60 14.98
N TYR B 236 -4.56 -25.92 16.12
CA TYR B 236 -5.27 -24.70 16.43
C TYR B 236 -4.34 -23.74 17.15
N VAL B 237 -4.74 -22.47 17.28
CA VAL B 237 -3.94 -21.43 17.96
C VAL B 237 -4.82 -20.62 18.92
N ASP B 238 -4.42 -20.51 20.19
CA ASP B 238 -5.15 -19.68 21.16
C ASP B 238 -4.35 -18.41 21.49
N LEU B 239 -5.00 -17.26 21.46
CA LEU B 239 -4.44 -16.01 22.00
C LEU B 239 -4.96 -15.87 23.45
N CYS B 240 -4.25 -15.16 24.32
CA CYS B 240 -4.64 -15.11 25.72
C CYS B 240 -4.11 -13.85 26.39
N TYR B 241 -5.03 -12.98 26.82
CA TYR B 241 -4.70 -11.67 27.30
C TYR B 241 -5.32 -11.49 28.68
N ARG B 242 -4.64 -10.82 29.60
CA ARG B 242 -5.24 -10.57 30.92
C ARG B 242 -6.28 -9.45 30.87
N GLY B 243 -6.14 -8.51 29.93
CA GLY B 243 -7.09 -7.40 29.75
C GLY B 243 -8.31 -7.72 28.91
N ASP B 244 -9.11 -6.69 28.64
CA ASP B 244 -10.42 -6.85 28.02
C ASP B 244 -10.27 -7.04 26.54
N LEU B 245 -9.60 -6.06 25.92
CA LEU B 245 -9.46 -5.97 24.48
C LEU B 245 -7.97 -5.92 24.12
N ILE B 246 -7.53 -6.75 23.18
CA ILE B 246 -6.11 -6.79 22.81
C ILE B 246 -5.56 -5.47 22.23
N LEU B 247 -4.24 -5.32 22.33
CA LEU B 247 -3.52 -4.17 21.79
C LEU B 247 -3.99 -2.82 22.35
N ARG B 248 -3.76 -2.55 23.64
CA ARG B 248 -4.05 -1.21 24.16
C ARG B 248 -3.09 -0.20 23.54
N GLY B 249 -3.58 1.02 23.37
CA GLY B 249 -2.83 2.09 22.76
C GLY B 249 -3.15 2.22 21.29
N PHE B 250 -4.15 1.46 20.81
CA PHE B 250 -4.60 1.53 19.44
C PHE B 250 -6.08 1.90 19.40
N ASP B 251 -6.56 2.35 18.25
CA ASP B 251 -7.96 2.76 18.13
C ASP B 251 -8.85 1.58 18.46
N THR B 252 -9.55 1.69 19.60
CA THR B 252 -10.53 0.69 20.07
C THR B 252 -11.38 0.04 18.97
N GLU B 253 -11.85 0.84 18.02
CA GLU B 253 -12.69 0.32 16.93
C GLU B 253 -11.87 -0.52 15.97
N VAL B 254 -10.62 -0.12 15.73
CA VAL B 254 -9.66 -0.96 15.00
C VAL B 254 -9.35 -2.25 15.76
N ARG B 255 -9.13 -2.14 17.08
CA ARG B 255 -8.79 -3.28 17.92
C ARG B 255 -9.86 -4.35 17.91
N LYS B 256 -11.13 -3.92 17.92
CA LYS B 256 -12.25 -4.83 17.86
C LYS B 256 -12.37 -5.54 16.52
N SER B 257 -12.53 -4.79 15.41
CA SER B 257 -12.58 -5.39 14.04
C SER B 257 -11.44 -6.39 13.82
N LEU B 258 -10.27 -6.10 14.37
CA LEU B 258 -9.15 -7.04 14.31
C LEU B 258 -9.41 -8.28 15.18
N THR B 259 -9.79 -8.07 16.44
CA THR B 259 -10.10 -9.19 17.36
C THR B 259 -11.14 -10.15 16.76
N LYS B 260 -12.13 -9.60 16.04
CA LYS B 260 -13.09 -10.41 15.28
C LYS B 260 -12.37 -11.18 14.15
N GLN B 261 -11.60 -10.44 13.33
CA GLN B 261 -10.95 -10.99 12.12
C GLN B 261 -9.88 -12.07 12.36
N LEU B 262 -9.26 -12.05 13.53
CA LEU B 262 -8.38 -13.12 13.97
C LEU B 262 -9.23 -14.36 14.22
N GLY B 263 -10.35 -14.15 14.95
CA GLY B 263 -11.41 -15.15 15.11
C GLY B 263 -11.79 -15.76 13.77
N ALA B 264 -12.22 -14.90 12.85
CA ALA B 264 -12.64 -15.33 11.51
C ALA B 264 -11.59 -16.15 10.74
N ASN B 265 -10.31 -15.89 11.02
CA ASN B 265 -9.19 -16.68 10.45
C ASN B 265 -8.85 -17.94 11.24
N GLY B 266 -9.49 -18.15 12.38
CA GLY B 266 -9.34 -19.37 13.16
C GLY B 266 -8.49 -19.22 14.40
N ILE B 267 -8.12 -18.00 14.77
CA ILE B 267 -7.40 -17.78 16.02
C ILE B 267 -8.46 -17.66 17.11
N ARG B 268 -8.35 -18.50 18.13
CA ARG B 268 -9.28 -18.44 19.24
C ARG B 268 -8.83 -17.43 20.28
N VAL B 269 -9.35 -16.21 20.19
CA VAL B 269 -8.94 -15.17 21.14
C VAL B 269 -9.60 -15.45 22.48
N ARG B 270 -8.83 -15.25 23.54
CA ARG B 270 -9.30 -15.44 24.89
C ARG B 270 -8.87 -14.26 25.74
N THR B 271 -9.80 -13.73 26.53
CA THR B 271 -9.55 -12.51 27.29
C THR B 271 -9.79 -12.77 28.78
N ASN B 272 -9.35 -11.82 29.61
CA ASN B 272 -9.35 -11.90 31.09
C ASN B 272 -8.97 -13.26 31.60
N LEU B 273 -7.82 -13.70 31.12
CA LEU B 273 -7.38 -15.03 31.31
C LEU B 273 -5.89 -15.04 31.06
N ASN B 274 -5.13 -15.19 32.14
CA ASN B 274 -3.70 -15.50 32.08
C ASN B 274 -3.41 -16.80 32.83
N PRO B 275 -2.35 -17.53 32.44
CA PRO B 275 -2.09 -18.78 33.16
C PRO B 275 -1.41 -18.58 34.51
N THR B 276 -1.58 -19.59 35.38
CA THR B 276 -1.05 -19.57 36.73
C THR B 276 -0.01 -20.66 37.01
N LYS B 277 -0.06 -21.80 36.30
CA LYS B 277 0.95 -22.88 36.46
C LYS B 277 1.13 -23.66 35.14
N ILE B 278 2.39 -24.03 34.83
CA ILE B 278 2.72 -24.86 33.66
C ILE B 278 3.60 -26.05 34.07
N THR B 279 3.29 -27.22 33.53
CA THR B 279 3.93 -28.49 33.93
C THR B 279 4.18 -29.35 32.69
N LYS B 280 5.41 -29.83 32.50
CA LYS B 280 5.75 -30.62 31.29
C LYS B 280 5.25 -32.05 31.41
N ASN B 281 4.71 -32.59 30.31
CA ASN B 281 4.08 -33.92 30.31
C ASN B 281 5.00 -35.02 29.84
N GLU B 282 4.62 -36.25 30.14
CA GLU B 282 5.46 -37.45 29.91
C GLU B 282 5.79 -37.69 28.44
N ASP B 283 4.94 -37.15 27.56
CA ASP B 283 5.19 -37.12 26.11
C ASP B 283 5.76 -35.77 25.65
N GLY B 284 6.41 -35.03 26.54
CA GLY B 284 7.04 -33.75 26.18
C GLY B 284 6.15 -32.52 26.17
N SER B 285 4.85 -32.69 25.91
CA SER B 285 3.92 -31.56 25.70
C SER B 285 3.73 -30.72 26.95
N ASN B 286 3.21 -29.50 26.78
CA ASN B 286 3.03 -28.57 27.91
C ASN B 286 1.57 -28.44 28.35
N HIS B 287 1.34 -28.68 29.63
CA HIS B 287 0.00 -28.66 30.25
C HIS B 287 -0.12 -27.35 31.04
N VAL B 288 -1.27 -26.66 30.88
CA VAL B 288 -1.44 -25.28 31.36
C VAL B 288 -2.66 -25.12 32.24
N HIS B 289 -2.44 -24.76 33.51
CA HIS B 289 -3.52 -24.35 34.43
C HIS B 289 -3.76 -22.85 34.20
N PHE B 290 -5.03 -22.44 34.18
CA PHE B 290 -5.42 -21.09 33.78
C PHE B 290 -5.91 -20.20 34.93
N ASN B 291 -6.09 -18.93 34.59
CA ASN B 291 -6.76 -17.91 35.40
C ASN B 291 -8.10 -18.33 35.99
N ASP B 292 -9.01 -18.77 35.13
CA ASP B 292 -10.36 -19.24 35.54
C ASP B 292 -10.35 -20.64 36.18
N GLY B 293 -9.27 -21.39 35.98
CA GLY B 293 -9.15 -22.75 36.49
C GLY B 293 -9.27 -23.84 35.42
N THR B 294 -9.25 -23.46 34.15
CA THR B 294 -9.26 -24.43 33.04
C THR B 294 -7.87 -25.12 32.96
N GLU B 295 -7.88 -26.35 32.45
CA GLU B 295 -6.66 -27.11 32.15
C GLU B 295 -6.65 -27.43 30.67
N GLU B 296 -5.50 -27.27 30.02
CA GLU B 296 -5.37 -27.54 28.59
C GLU B 296 -3.96 -27.94 28.21
N ASP B 297 -3.86 -28.63 27.07
CA ASP B 297 -2.59 -29.11 26.56
C ASP B 297 -2.22 -28.40 25.24
N TYR B 298 -1.00 -27.84 25.23
CA TYR B 298 -0.40 -27.15 24.07
C TYR B 298 1.02 -27.68 23.82
N ASP B 299 1.39 -27.76 22.53
CA ASP B 299 2.74 -28.18 22.14
C ASP B 299 3.78 -27.15 22.56
N GLN B 300 3.47 -25.87 22.36
CA GLN B 300 4.35 -24.75 22.76
C GLN B 300 3.53 -23.63 23.36
N VAL B 301 4.20 -22.72 24.04
CA VAL B 301 3.51 -21.57 24.63
C VAL B 301 4.45 -20.36 24.70
N MET B 302 4.11 -19.32 23.93
CA MET B 302 4.95 -18.13 23.74
C MET B 302 4.46 -16.98 24.59
N LEU B 303 5.41 -16.20 25.12
CA LEU B 303 5.13 -15.09 26.02
C LEU B 303 5.50 -13.75 25.38
N ALA B 304 4.48 -13.12 24.80
CA ALA B 304 4.59 -11.76 24.31
C ALA B 304 3.98 -10.84 25.34
N ILE B 305 4.62 -10.84 26.49
CA ILE B 305 4.30 -9.94 27.60
C ILE B 305 4.81 -8.54 27.26
N GLY B 306 5.99 -8.45 26.65
CA GLY B 306 6.62 -7.17 26.39
C GLY B 306 8.10 -7.28 26.46
N ARG B 307 8.78 -6.13 26.52
CA ARG B 307 10.25 -6.03 26.49
C ARG B 307 10.80 -5.00 27.49
N VAL B 308 11.49 -5.49 28.53
CA VAL B 308 12.25 -4.63 29.45
C VAL B 308 13.58 -4.19 28.81
N PRO B 309 14.01 -2.92 29.05
CA PRO B 309 15.35 -2.49 28.62
C PRO B 309 16.48 -3.41 29.10
N ARG B 310 17.53 -3.46 28.29
CA ARG B 310 18.63 -4.38 28.49
C ARG B 310 19.87 -3.67 29.04
N SER B 311 19.78 -3.30 30.32
CA SER B 311 20.84 -2.54 31.01
C SER B 311 21.30 -3.22 32.29
N GLN B 312 20.85 -4.45 32.52
CA GLN B 312 20.83 -5.02 33.86
C GLN B 312 22.22 -5.52 34.32
N ALA B 313 23.17 -5.65 33.39
CA ALA B 313 24.55 -6.10 33.70
C ALA B 313 25.67 -5.19 33.14
N LEU B 314 25.33 -4.00 32.66
CA LEU B 314 26.31 -3.11 32.06
C LEU B 314 27.14 -2.37 33.08
N GLN B 315 26.73 -2.42 34.34
CA GLN B 315 27.37 -1.65 35.42
C GLN B 315 27.33 -0.15 35.12
N LEU B 316 26.12 0.39 35.10
CA LEU B 316 25.92 1.81 34.84
C LEU B 316 26.29 2.59 36.09
N ASP B 317 25.92 2.03 37.25
CA ASP B 317 26.33 2.56 38.56
C ASP B 317 27.84 2.73 38.73
N LYS B 318 28.66 1.91 38.06
CA LYS B 318 30.12 2.13 38.01
C LYS B 318 30.49 3.48 37.39
N ALA B 319 29.82 3.85 36.30
CA ALA B 319 30.10 5.10 35.59
C ALA B 319 29.30 6.33 36.06
N GLY B 320 28.16 6.11 36.71
CA GLY B 320 27.25 7.18 37.17
C GLY B 320 26.08 7.50 36.24
N VAL B 321 25.76 6.57 35.33
CA VAL B 321 24.59 6.65 34.45
C VAL B 321 23.40 6.11 35.24
N ARG B 322 22.22 6.68 35.02
CA ARG B 322 21.05 6.38 35.87
C ARG B 322 20.03 5.41 35.22
N THR B 323 19.61 4.42 36.02
CA THR B 323 18.49 3.55 35.70
C THR B 323 17.22 4.10 36.37
N GLY B 324 16.06 3.78 35.81
CA GLY B 324 14.78 4.29 36.31
C GLY B 324 13.75 3.21 36.47
N LYS B 325 12.98 2.97 35.41
CA LYS B 325 11.94 1.95 35.42
C LYS B 325 12.44 0.74 34.64
N ASN B 326 12.86 -0.29 35.36
CA ASN B 326 13.41 -1.54 34.79
C ASN B 326 14.66 -1.32 33.92
N GLY B 327 15.55 -0.45 34.39
CA GLY B 327 16.80 -0.19 33.68
C GLY B 327 16.73 0.89 32.62
N ALA B 328 15.53 1.39 32.30
CA ALA B 328 15.38 2.48 31.35
C ALA B 328 16.47 3.48 31.62
N VAL B 329 17.33 3.73 30.64
CA VAL B 329 18.43 4.67 30.83
C VAL B 329 17.80 6.06 30.90
N GLN B 330 18.27 6.88 31.85
CA GLN B 330 17.73 8.22 32.05
C GLN B 330 18.41 9.16 31.10
N VAL B 331 17.64 9.70 30.16
CA VAL B 331 18.17 10.42 29.00
C VAL B 331 17.36 11.66 28.69
N ASP B 332 18.05 12.71 28.24
CA ASP B 332 17.39 13.95 27.82
C ASP B 332 16.99 13.89 26.33
N ALA B 333 16.57 15.03 25.78
CA ALA B 333 16.01 15.06 24.42
C ALA B 333 17.06 14.86 23.36
N TYR B 334 18.27 15.38 23.61
CA TYR B 334 19.41 15.11 22.72
C TYR B 334 20.10 13.73 22.95
N SER B 335 19.40 12.81 23.62
CA SER B 335 19.89 11.45 23.91
C SER B 335 21.06 11.35 24.90
N LYS B 336 21.34 12.43 25.67
CA LYS B 336 22.45 12.47 26.65
C LYS B 336 22.04 11.94 27.99
N THR B 337 22.89 11.16 28.63
CA THR B 337 22.56 10.57 29.90
C THR B 337 23.06 11.42 31.05
N SER B 338 22.84 10.88 32.25
CA SER B 338 23.41 11.35 33.52
C SER B 338 24.86 11.87 33.45
N VAL B 339 25.72 11.17 32.71
CA VAL B 339 27.12 11.62 32.45
C VAL B 339 27.17 12.32 31.10
N ASP B 340 28.01 13.35 30.98
CA ASP B 340 28.02 14.25 29.80
C ASP B 340 28.49 13.61 28.49
N ASN B 341 29.59 12.88 28.57
CA ASN B 341 30.14 12.18 27.41
C ASN B 341 29.36 10.89 27.03
N ILE B 342 28.59 10.32 27.96
CA ILE B 342 27.79 9.10 27.70
C ILE B 342 26.36 9.44 27.19
N TYR B 343 25.88 8.64 26.22
CA TYR B 343 24.56 8.82 25.57
C TYR B 343 23.86 7.45 25.46
N ALA B 344 22.56 7.43 25.17
CA ALA B 344 21.79 6.18 25.05
C ALA B 344 20.57 6.31 24.16
N ILE B 345 20.25 5.24 23.42
CA ILE B 345 19.21 5.28 22.40
C ILE B 345 18.42 3.98 22.15
N GLY B 346 17.23 4.19 21.59
CA GLY B 346 16.38 3.17 21.02
C GLY B 346 15.44 2.56 22.04
N ASP B 347 15.67 1.28 22.32
CA ASP B 347 14.84 0.50 23.23
C ASP B 347 15.27 0.69 24.66
N VAL B 348 16.56 0.94 24.90
CA VAL B 348 17.06 0.98 26.27
C VAL B 348 16.54 2.22 27.00
N THR B 349 16.27 3.29 26.24
CA THR B 349 15.66 4.50 26.79
C THR B 349 14.21 4.28 27.25
N ASN B 350 13.47 3.52 26.44
CA ASN B 350 12.05 3.21 26.62
C ASN B 350 11.17 4.38 26.19
N ARG B 351 11.64 5.13 25.21
CA ARG B 351 10.86 6.23 24.65
C ARG B 351 9.86 5.59 23.70
N VAL B 352 10.32 5.18 22.52
CA VAL B 352 9.49 4.42 21.56
C VAL B 352 10.37 3.30 21.05
N MET B 353 9.87 2.07 21.15
CA MET B 353 10.63 0.85 20.82
C MET B 353 10.28 0.37 19.42
N LEU B 354 10.67 1.20 18.47
CA LEU B 354 10.70 0.86 17.06
C LEU B 354 12.11 1.13 16.58
N THR B 355 12.45 0.48 15.47
CA THR B 355 13.71 0.67 14.75
C THR B 355 13.87 2.06 14.13
N PRO B 356 12.95 2.48 13.26
CA PRO B 356 13.12 3.77 12.56
C PRO B 356 13.41 4.93 13.53
N VAL B 357 12.82 4.86 14.72
CA VAL B 357 13.06 5.82 15.83
C VAL B 357 14.51 5.67 16.34
N ALA B 358 14.89 4.47 16.77
CA ALA B 358 16.26 4.21 17.23
C ALA B 358 17.29 4.67 16.20
N ILE B 359 17.08 4.34 14.92
CA ILE B 359 17.91 4.84 13.81
C ILE B 359 18.01 6.36 13.86
N ASN B 360 16.87 7.05 13.88
CA ASN B 360 16.85 8.51 13.92
C ASN B 360 17.48 9.11 15.19
N GLU B 361 17.21 8.49 16.35
CA GLU B 361 17.84 8.87 17.63
C GLU B 361 19.37 8.78 17.54
N GLY B 362 19.85 7.70 16.90
CA GLY B 362 21.26 7.46 16.67
C GLY B 362 21.88 8.30 15.55
N ALA B 363 21.09 8.67 14.56
CA ALA B 363 21.56 9.62 13.55
C ALA B 363 21.69 11.03 14.16
N ALA B 364 20.69 11.45 14.94
CA ALA B 364 20.66 12.77 15.61
C ALA B 364 21.82 12.97 16.59
N PHE B 365 22.11 11.93 17.35
CA PHE B 365 23.32 11.85 18.20
C PHE B 365 24.66 12.15 17.48
N VAL B 366 24.79 11.68 16.25
CA VAL B 366 26.00 11.93 15.44
C VAL B 366 26.10 13.40 15.00
N GLU B 367 24.98 14.02 14.61
CA GLU B 367 24.99 15.42 14.22
C GLU B 367 25.23 16.31 15.42
N THR B 368 24.54 15.99 16.51
CA THR B 368 24.72 16.68 17.78
C THR B 368 26.19 16.67 18.20
N VAL B 369 26.73 15.49 18.51
CA VAL B 369 28.07 15.37 19.03
C VAL B 369 29.11 15.70 17.96
N PHE B 370 29.23 14.83 16.97
CA PHE B 370 30.35 14.87 16.02
C PHE B 370 30.16 15.85 14.87
N GLY B 371 28.90 16.22 14.60
CA GLY B 371 28.57 17.06 13.47
C GLY B 371 28.33 18.52 13.78
N GLY B 372 28.55 18.96 15.01
CA GLY B 372 28.41 20.37 15.38
C GLY B 372 26.97 20.80 15.52
N LYS B 373 26.18 20.70 14.43
CA LYS B 373 24.76 21.10 14.42
C LYS B 373 23.87 20.15 15.24
N PRO B 374 23.36 20.62 16.40
CA PRO B 374 22.63 19.73 17.29
C PRO B 374 21.22 19.48 16.80
N ARG B 375 20.65 18.36 17.23
CA ARG B 375 19.26 18.03 16.91
C ARG B 375 18.72 16.87 17.77
N ALA B 376 17.44 16.93 18.13
CA ALA B 376 16.73 15.89 18.90
C ALA B 376 15.61 15.26 18.06
N THR B 377 15.33 13.99 18.32
CA THR B 377 14.37 13.21 17.51
C THR B 377 12.92 13.62 17.83
N ASP B 378 12.09 13.73 16.78
CA ASP B 378 10.69 14.14 16.94
C ASP B 378 9.77 12.93 17.16
N HIS B 379 9.46 12.64 18.41
CA HIS B 379 8.67 11.44 18.80
C HIS B 379 7.17 11.53 18.58
N THR B 380 6.66 12.72 18.30
CA THR B 380 5.27 12.90 17.87
C THR B 380 5.11 12.52 16.39
N LYS B 381 3.94 11.96 16.05
CA LYS B 381 3.55 11.70 14.66
C LYS B 381 4.50 10.76 13.92
N VAL B 382 4.99 9.79 14.69
CA VAL B 382 5.78 8.68 14.19
C VAL B 382 4.75 7.69 13.69
N ALA B 383 4.73 7.43 12.40
CA ALA B 383 3.86 6.36 11.91
C ALA B 383 4.43 4.97 12.31
N CYS B 384 3.56 3.98 12.42
CA CYS B 384 3.99 2.59 12.72
C CYS B 384 2.90 1.56 12.34
N ALA B 385 3.26 0.27 12.42
CA ALA B 385 2.37 -0.79 11.93
C ALA B 385 2.46 -2.12 12.70
N VAL B 386 1.39 -2.91 12.63
CA VAL B 386 1.32 -4.24 13.24
C VAL B 386 1.08 -5.24 12.11
N PHE B 387 1.94 -6.23 11.95
CA PHE B 387 1.82 -7.18 10.84
C PHE B 387 1.06 -8.43 11.26
N SER B 388 -0.12 -8.15 11.76
CA SER B 388 -1.14 -9.14 12.02
C SER B 388 -1.64 -9.62 10.65
N ILE B 389 -2.64 -10.50 10.64
CA ILE B 389 -3.38 -10.81 9.42
C ILE B 389 -4.90 -10.62 9.69
N PRO B 390 -5.48 -9.47 9.30
CA PRO B 390 -4.84 -8.41 8.51
C PRO B 390 -4.09 -7.36 9.34
N PRO B 391 -3.23 -6.56 8.69
CA PRO B 391 -2.33 -5.67 9.39
C PRO B 391 -2.90 -4.28 9.64
N ILE B 392 -2.35 -3.61 10.65
CA ILE B 392 -2.75 -2.26 11.06
C ILE B 392 -1.66 -1.27 10.68
N GLY B 393 -2.07 -0.10 10.21
CA GLY B 393 -1.20 1.06 10.08
C GLY B 393 -1.84 2.20 10.86
N THR B 394 -1.08 2.84 11.74
CA THR B 394 -1.59 3.95 12.60
C THR B 394 -0.55 5.05 12.72
N CYS B 395 -1.00 6.30 12.71
CA CYS B 395 -0.11 7.43 13.04
C CYS B 395 -0.91 8.49 13.76
N GLY B 396 -0.51 8.80 15.00
CA GLY B 396 -1.10 9.90 15.76
C GLY B 396 -1.94 9.46 16.93
N MET B 397 -2.83 10.34 17.37
CA MET B 397 -3.58 10.17 18.64
C MET B 397 -4.76 9.21 18.51
N THR B 398 -4.95 8.37 19.53
CA THR B 398 -6.13 7.53 19.64
C THR B 398 -7.27 8.47 19.94
N GLU B 399 -8.48 8.15 19.47
CA GLU B 399 -9.61 9.07 19.65
C GLU B 399 -9.93 9.36 21.12
N GLU B 400 -9.64 8.38 21.98
CA GLU B 400 -9.89 8.47 23.42
C GLU B 400 -9.01 9.54 24.03
N GLU B 401 -7.70 9.39 23.82
CA GLU B 401 -6.71 10.31 24.36
C GLU B 401 -6.74 11.69 23.66
N ALA B 402 -7.27 11.75 22.43
CA ALA B 402 -7.36 13.01 21.68
C ALA B 402 -8.40 13.97 22.26
N ALA B 403 -9.58 13.44 22.52
CA ALA B 403 -10.70 14.20 23.11
C ALA B 403 -10.47 14.60 24.55
N LYS B 404 -9.71 13.77 25.26
CA LYS B 404 -9.28 14.07 26.62
C LYS B 404 -8.25 15.22 26.63
N ASN B 405 -7.36 15.25 25.63
CA ASN B 405 -6.28 16.26 25.58
C ASN B 405 -6.69 17.57 24.88
N TYR B 406 -7.20 17.46 23.65
CA TYR B 406 -7.74 18.61 22.90
C TYR B 406 -9.21 18.81 23.27
N GLU B 407 -9.65 20.06 23.34
CA GLU B 407 -11.00 20.37 23.84
C GLU B 407 -12.12 19.78 22.99
N THR B 408 -12.17 20.20 21.73
CA THR B 408 -13.18 19.76 20.77
C THR B 408 -12.54 18.91 19.68
N VAL B 409 -13.03 17.67 19.48
CA VAL B 409 -12.55 16.79 18.40
C VAL B 409 -13.70 16.17 17.59
N ALA B 410 -13.38 15.85 16.33
CA ALA B 410 -14.32 15.25 15.37
C ALA B 410 -13.73 13.96 14.85
N VAL B 411 -14.51 12.87 14.93
CA VAL B 411 -14.05 11.53 14.55
C VAL B 411 -14.75 11.09 13.27
N TYR B 412 -13.95 10.86 12.22
CA TYR B 412 -14.41 10.38 10.91
C TYR B 412 -14.13 8.89 10.80
N ALA B 413 -15.10 8.12 10.35
CA ALA B 413 -14.91 6.68 10.15
C ALA B 413 -15.44 6.23 8.80
N SER B 414 -14.95 5.07 8.38
CA SER B 414 -15.35 4.44 7.13
C SER B 414 -14.86 3.00 7.09
N SER B 415 -15.79 2.06 7.02
CA SER B 415 -15.48 0.66 6.88
C SER B 415 -16.14 0.22 5.59
N PHE B 416 -15.36 -0.44 4.74
CA PHE B 416 -15.87 -1.07 3.51
C PHE B 416 -15.20 -2.42 3.32
N THR B 417 -15.86 -3.28 2.56
CA THR B 417 -15.31 -4.57 2.17
C THR B 417 -14.81 -4.42 0.74
N PRO B 418 -13.50 -4.64 0.48
CA PRO B 418 -13.02 -4.46 -0.87
C PRO B 418 -13.79 -5.31 -1.88
N LEU B 419 -13.93 -4.78 -3.09
CA LEU B 419 -14.72 -5.40 -4.17
C LEU B 419 -14.34 -6.85 -4.48
N MET B 420 -13.03 -7.13 -4.40
CA MET B 420 -12.49 -8.47 -4.64
C MET B 420 -12.97 -9.56 -3.67
N HIS B 421 -13.22 -9.22 -2.42
CA HIS B 421 -13.62 -10.21 -1.44
C HIS B 421 -15.05 -10.73 -1.57
N ASN B 422 -15.80 -10.16 -2.51
CA ASN B 422 -17.03 -10.78 -2.96
C ASN B 422 -16.76 -12.05 -3.75
N ILE B 423 -15.65 -12.09 -4.48
CA ILE B 423 -15.24 -13.27 -5.25
C ILE B 423 -14.37 -14.23 -4.43
N SER B 424 -13.38 -13.68 -3.71
CA SER B 424 -12.45 -14.53 -2.96
C SER B 424 -13.15 -15.29 -1.83
N GLY B 425 -14.24 -14.73 -1.34
CA GLY B 425 -15.04 -15.37 -0.33
C GLY B 425 -14.52 -15.12 1.07
N SER B 426 -13.61 -14.15 1.22
CA SER B 426 -13.16 -13.71 2.52
C SER B 426 -13.92 -12.42 2.87
N LYS B 427 -15.25 -12.53 2.99
CA LYS B 427 -16.08 -11.34 3.21
C LYS B 427 -15.94 -10.74 4.61
N HIS B 428 -15.29 -11.48 5.51
CA HIS B 428 -14.86 -10.93 6.82
C HIS B 428 -13.83 -9.78 6.76
N LYS B 429 -13.10 -9.65 5.65
CA LYS B 429 -11.96 -8.72 5.54
C LYS B 429 -12.37 -7.28 5.22
N GLU B 430 -12.76 -6.59 6.27
CA GLU B 430 -13.23 -5.23 6.21
C GLU B 430 -12.03 -4.32 6.31
N PHE B 431 -11.82 -3.51 5.28
CA PHE B 431 -10.82 -2.44 5.36
C PHE B 431 -11.45 -1.28 6.09
N MET B 432 -10.78 -0.78 7.13
CA MET B 432 -11.27 0.29 7.99
C MET B 432 -10.30 1.48 8.03
N ILE B 433 -10.86 2.68 8.09
CA ILE B 433 -10.11 3.92 8.25
C ILE B 433 -10.83 4.79 9.29
N ARG B 434 -10.06 5.40 10.19
CA ARG B 434 -10.62 6.30 11.18
C ARG B 434 -9.70 7.50 11.37
N ILE B 435 -10.11 8.67 10.87
CA ILE B 435 -9.36 9.90 11.08
C ILE B 435 -9.90 10.60 12.31
N ILE B 436 -8.99 11.21 13.08
CA ILE B 436 -9.33 11.93 14.30
C ILE B 436 -8.71 13.32 14.21
N THR B 437 -9.58 14.34 14.15
CA THR B 437 -9.16 15.73 14.00
C THR B 437 -9.46 16.57 15.22
N ASN B 438 -8.74 17.68 15.35
CA ASN B 438 -9.16 18.79 16.21
C ASN B 438 -10.17 19.60 15.39
N GLU B 439 -11.31 19.87 16.03
CA GLU B 439 -12.47 20.46 15.36
C GLU B 439 -12.27 21.95 15.13
N SER B 440 -11.68 22.64 16.11
CA SER B 440 -11.39 24.08 16.02
C SER B 440 -10.66 24.46 14.73
N ASN B 441 -9.52 23.80 14.50
CA ASN B 441 -8.62 24.13 13.37
C ASN B 441 -8.72 23.20 12.15
N GLY B 442 -9.37 22.04 12.30
CA GLY B 442 -9.46 21.03 11.24
C GLY B 442 -8.22 20.14 11.08
N GLU B 443 -7.28 20.22 12.03
CA GLU B 443 -6.00 19.54 11.92
C GLU B 443 -6.18 18.06 12.16
N VAL B 444 -5.43 17.26 11.41
CA VAL B 444 -5.42 15.81 11.57
C VAL B 444 -4.45 15.41 12.69
N LEU B 445 -5.02 14.95 13.80
CA LEU B 445 -4.29 14.51 14.96
C LEU B 445 -3.90 13.05 14.87
N GLY B 446 -4.84 12.22 14.41
CA GLY B 446 -4.64 10.77 14.26
C GLY B 446 -5.31 10.16 13.04
N VAL B 447 -4.70 9.10 12.50
CA VAL B 447 -5.26 8.27 11.43
C VAL B 447 -4.98 6.80 11.71
N HIS B 448 -6.02 5.98 11.58
CA HIS B 448 -5.99 4.58 12.02
C HIS B 448 -6.60 3.67 10.97
N MET B 449 -5.81 2.69 10.54
CA MET B 449 -6.20 1.84 9.42
C MET B 449 -5.98 0.40 9.71
N LEU B 450 -7.01 -0.40 9.46
CA LEU B 450 -6.91 -1.83 9.46
C LEU B 450 -7.21 -2.31 8.05
N GLY B 451 -6.33 -3.17 7.52
CA GLY B 451 -6.54 -3.83 6.24
C GLY B 451 -5.25 -3.99 5.46
N ASP B 452 -5.33 -4.76 4.37
CA ASP B 452 -4.14 -5.08 3.59
C ASP B 452 -3.67 -3.80 2.93
N SER B 453 -2.33 -3.63 2.91
CA SER B 453 -1.63 -2.40 2.48
C SER B 453 -1.76 -1.19 3.41
N ALA B 454 -2.27 -1.40 4.63
CA ALA B 454 -2.33 -0.32 5.61
C ALA B 454 -0.94 0.18 6.05
N PRO B 455 0.01 -0.74 6.31
CA PRO B 455 1.40 -0.28 6.58
C PRO B 455 2.06 0.57 5.47
N GLU B 456 1.76 0.26 4.20
CA GLU B 456 2.35 1.00 3.09
C GLU B 456 1.70 2.36 2.99
N ILE B 457 0.38 2.40 3.13
CA ILE B 457 -0.37 3.65 3.00
C ILE B 457 0.05 4.66 4.06
N ILE B 458 0.02 4.21 5.32
CA ILE B 458 0.22 5.05 6.51
C ILE B 458 1.51 5.87 6.48
N GLN B 459 2.58 5.31 5.91
CA GLN B 459 3.88 5.99 5.82
C GLN B 459 3.74 7.37 5.20
N SER B 460 3.12 7.37 4.03
CA SER B 460 2.81 8.60 3.30
C SER B 460 1.80 9.55 4.01
N VAL B 461 0.95 8.99 4.87
CA VAL B 461 0.11 9.78 5.77
C VAL B 461 0.98 10.51 6.79
N GLY B 462 1.82 9.75 7.50
CA GLY B 462 2.72 10.29 8.51
C GLY B 462 3.65 11.41 8.05
N ILE B 463 3.75 11.59 6.73
CA ILE B 463 4.41 12.73 6.10
C ILE B 463 3.46 13.92 6.11
N CYS B 464 2.19 13.69 5.73
CA CYS B 464 1.16 14.75 5.78
C CYS B 464 0.98 15.30 7.18
N MET B 465 0.93 14.39 8.15
CA MET B 465 0.80 14.78 9.53
C MET B 465 2.08 15.41 10.10
N LYS B 466 3.26 15.04 9.57
CA LYS B 466 4.51 15.77 9.91
C LYS B 466 4.40 17.26 9.55
N MET B 467 3.71 17.56 8.46
CA MET B 467 3.38 18.95 8.08
C MET B 467 2.20 19.53 8.84
N GLY B 468 1.43 18.66 9.47
CA GLY B 468 0.28 19.04 10.29
C GLY B 468 -0.91 19.28 9.39
N ALA B 469 -1.08 18.39 8.42
CA ALA B 469 -2.11 18.59 7.42
C ALA B 469 -3.47 18.50 8.05
N LYS B 470 -4.42 19.15 7.39
CA LYS B 470 -5.79 19.24 7.86
C LYS B 470 -6.71 18.33 7.04
N ILE B 471 -7.86 18.01 7.61
CA ILE B 471 -8.88 17.19 6.94
C ILE B 471 -9.35 17.83 5.63
N SER B 472 -9.28 19.15 5.52
CA SER B 472 -9.51 19.81 4.23
C SER B 472 -8.55 19.27 3.15
N ASP B 473 -7.26 19.18 3.46
CA ASP B 473 -6.28 18.65 2.49
C ASP B 473 -6.57 17.23 2.09
N PHE B 474 -7.06 16.42 3.03
CA PHE B 474 -7.32 14.98 2.80
C PHE B 474 -8.44 14.74 1.80
N HIS B 475 -9.66 15.13 2.15
CA HIS B 475 -10.78 14.91 1.24
C HIS B 475 -10.60 15.66 -0.09
N SER B 476 -10.10 16.90 -0.02
CA SER B 476 -9.95 17.73 -1.23
C SER B 476 -8.67 17.47 -2.05
N THR B 477 -8.04 16.32 -1.86
CA THR B 477 -7.07 15.79 -2.81
C THR B 477 -7.78 14.80 -3.75
N ILE B 478 -7.33 14.73 -4.99
CA ILE B 478 -7.99 13.91 -6.03
C ILE B 478 -7.63 12.44 -5.81
N GLY B 479 -8.53 11.54 -6.23
CA GLY B 479 -8.38 10.11 -5.98
C GLY B 479 -7.54 9.30 -6.95
N VAL B 480 -7.12 8.12 -6.45
CA VAL B 480 -6.39 7.08 -7.21
C VAL B 480 -7.29 5.85 -7.24
N HIS B 481 -8.18 5.80 -8.23
CA HIS B 481 -9.18 4.75 -8.32
C HIS B 481 -8.59 3.57 -9.16
N PRO B 482 -8.73 2.30 -8.77
CA PRO B 482 -9.34 1.85 -7.52
C PRO B 482 -8.31 1.40 -6.46
N THR B 483 -8.36 2.00 -5.27
CA THR B 483 -7.51 1.61 -4.14
C THR B 483 -8.30 1.60 -2.84
N SER B 484 -7.65 1.13 -1.77
CA SER B 484 -8.15 1.30 -0.41
C SER B 484 -7.85 2.72 0.07
N ALA B 485 -6.69 3.24 -0.33
CA ALA B 485 -6.26 4.57 0.06
C ALA B 485 -7.13 5.72 -0.46
N GLU B 486 -7.82 5.54 -1.60
CA GLU B 486 -8.73 6.58 -2.14
C GLU B 486 -9.89 6.96 -1.19
N GLU B 487 -10.21 6.05 -0.25
CA GLU B 487 -11.20 6.31 0.80
C GLU B 487 -10.62 7.14 1.99
N LEU B 488 -9.42 7.71 1.84
CA LEU B 488 -8.96 8.83 2.68
C LEU B 488 -9.45 10.18 2.15
N CYS B 489 -9.58 10.26 0.82
CA CYS B 489 -9.95 11.49 0.14
C CYS B 489 -11.46 11.62 -0.13
N SER B 490 -12.26 10.80 0.55
CA SER B 490 -13.73 10.88 0.54
C SER B 490 -14.32 11.20 1.94
N MET B 491 -13.45 11.38 2.95
CA MET B 491 -13.87 11.44 4.37
C MET B 491 -14.19 12.88 4.77
N ARG B 492 -15.48 13.22 4.76
CA ARG B 492 -15.93 14.62 4.75
C ARG B 492 -16.74 15.05 5.95
N THR B 493 -17.77 14.30 6.30
CA THR B 493 -18.64 14.65 7.41
C THR B 493 -18.42 13.65 8.56
N PRO B 494 -18.01 14.16 9.75
CA PRO B 494 -17.75 13.30 10.93
C PRO B 494 -18.93 12.42 11.32
N ALA B 495 -18.65 11.16 11.60
CA ALA B 495 -19.63 10.22 12.13
C ALA B 495 -20.13 10.70 13.51
N TYR B 496 -19.25 11.29 14.31
CA TYR B 496 -19.59 11.87 15.62
C TYR B 496 -18.41 12.71 16.14
N PHE B 497 -18.61 13.38 17.28
CA PHE B 497 -17.63 14.30 17.89
C PHE B 497 -17.35 14.01 19.38
N TYR B 498 -16.38 14.73 19.94
CA TYR B 498 -16.22 14.86 21.39
C TYR B 498 -16.14 16.35 21.77
N GLU B 499 -16.97 16.76 22.73
CA GLU B 499 -17.00 18.13 23.28
C GLU B 499 -16.48 18.13 24.71
N SER B 500 -15.24 18.60 24.91
CA SER B 500 -14.57 18.60 26.23
C SER B 500 -14.54 17.21 26.88
N GLY B 501 -14.29 16.18 26.06
CA GLY B 501 -14.22 14.78 26.52
C GLY B 501 -15.51 13.98 26.52
N LYS B 502 -16.61 14.53 25.98
CA LYS B 502 -17.89 13.81 25.97
C LYS B 502 -18.41 13.45 24.56
N ARG B 503 -18.81 12.19 24.42
CA ARG B 503 -19.20 11.60 23.14
C ARG B 503 -20.53 12.20 22.67
N VAL B 504 -20.47 13.03 21.62
CA VAL B 504 -21.65 13.77 21.13
C VAL B 504 -21.71 13.95 19.61
N GLU B 505 -22.93 14.10 19.10
CA GLU B 505 -23.19 14.47 17.68
C GLU B 505 -23.71 15.92 17.64
N LYS B 506 -22.94 16.80 16.99
CA LYS B 506 -23.11 18.26 17.04
C LYS B 506 -22.81 18.85 18.44
N LEU B 507 -22.93 20.18 18.58
CA LEU B 507 -22.25 20.90 19.66
C LEU B 507 -22.99 22.18 20.17
N SER B 508 -22.98 22.39 21.48
CA SER B 508 -23.49 23.62 22.12
C SER B 508 -24.93 23.99 21.73
PA FAD C . -18.25 7.36 -18.03
O1A FAD C . -17.53 6.19 -18.63
O2A FAD C . -18.23 7.47 -16.53
O5B FAD C . -19.78 7.34 -18.54
C5B FAD C . -20.13 6.90 -19.84
C4B FAD C . -21.62 6.54 -19.86
O4B FAD C . -22.31 7.37 -20.79
C3B FAD C . -21.87 5.10 -20.28
O3B FAD C . -22.64 4.40 -19.29
C2B FAD C . -22.59 5.19 -21.62
O2B FAD C . -23.57 4.15 -21.82
C1B FAD C . -23.22 6.57 -21.56
N9A FAD C . -23.46 7.11 -22.92
C8A FAD C . -22.53 7.38 -23.85
N7A FAD C . -23.10 7.86 -24.98
C5A FAD C . -24.42 7.88 -24.79
C6A FAD C . -25.63 8.26 -25.56
N6A FAD C . -25.50 8.73 -26.83
N1A FAD C . -26.83 8.13 -24.98
C2A FAD C . -26.97 7.67 -23.71
N3A FAD C . -25.92 7.31 -22.95
C4A FAD C . -24.66 7.39 -23.42
N1 FAD C . -9.89 5.18 -14.37
C2 FAD C . -9.18 5.04 -13.20
O2 FAD C . -9.08 6.01 -12.40
N3 FAD C . -8.58 3.88 -12.87
C4 FAD C . -8.63 2.78 -13.66
O4 FAD C . -8.06 1.71 -13.33
C4X FAD C . -9.38 2.88 -14.93
N5 FAD C . -9.46 1.82 -15.77
C5X FAD C . -10.13 1.88 -16.93
C6 FAD C . -10.15 0.74 -17.70
C7 FAD C . -10.83 0.72 -18.91
C7M FAD C . -10.82 -0.56 -19.72
C8 FAD C . -11.52 1.97 -19.36
C8M FAD C . -12.26 1.98 -20.67
C9 FAD C . -11.49 3.12 -18.58
C9A FAD C . -10.82 3.15 -17.34
N10 FAD C . -10.76 4.28 -16.49
C10 FAD C . -10.03 4.17 -15.27
C1' FAD C . -11.37 5.58 -16.83
C2' FAD C . -12.84 5.78 -16.43
O2' FAD C . -13.62 4.65 -16.86
C3' FAD C . -13.37 7.09 -17.06
O3' FAD C . -12.33 8.09 -17.06
C4' FAD C . -14.59 7.72 -16.37
O4' FAD C . -15.65 6.76 -16.22
C5' FAD C . -15.04 8.96 -17.17
O5' FAD C . -16.31 9.49 -16.78
P FAD C . -17.37 10.03 -17.88
O1P FAD C . -18.63 10.39 -17.13
O2P FAD C . -16.77 11.05 -18.82
O3P FAD C . -17.66 8.69 -18.72
CL RDS D . -15.80 4.18 -10.98
C13 RDS D . -16.94 3.88 -9.63
C12 RDS D . -16.77 2.76 -8.83
C8 RDS D . -17.66 2.50 -7.79
C9 RDS D . -18.71 3.39 -7.54
C10 RDS D . -18.87 4.52 -8.34
C11 RDS D . -17.99 4.75 -9.39
S RDS D . -17.43 1.15 -6.81
C7 RDS D . -16.11 1.63 -5.87
N1 RDS D . -16.22 2.71 -5.08
C2 RDS D . -15.18 3.14 -4.32
C1 RDS D . -13.98 2.44 -4.38
C RDS D . -13.88 1.33 -5.21
N RDS D . -12.71 0.64 -5.28
N2 RDS D . -14.94 0.94 -5.95
O RDS D . -15.31 4.23 -3.52
C3 RDS D . -15.22 5.55 -4.09
C4 RDS D . -14.30 6.40 -3.23
C5 RDS D . -16.62 6.16 -4.18
C6 RDS D . -16.58 7.45 -4.98
CL RDS E . 1.55 7.62 -26.55
C13 RDS E . 1.52 6.37 -27.83
C12 RDS E . 0.36 5.63 -28.04
C8 RDS E . 0.33 4.65 -29.04
C9 RDS E . 1.46 4.42 -29.82
C10 RDS E . 2.62 5.16 -29.60
C11 RDS E . 2.64 6.13 -28.61
S RDS E . -1.08 3.76 -29.30
C7 RDS E . -1.22 3.70 -31.00
N1 RDS E . -2.08 4.52 -31.64
C2 RDS E . -2.20 4.48 -32.99
C1 RDS E . -1.45 3.57 -33.71
C RDS E . -0.56 2.74 -33.04
N RDS E . 0.19 1.86 -33.72
N2 RDS E . -0.47 2.81 -31.69
O RDS E . -3.10 5.32 -33.62
C3 RDS E . -2.93 5.82 -34.96
C4 RDS E . -3.56 4.84 -35.95
C5 RDS E . -1.44 6.02 -35.27
C6 RDS E . -1.25 7.01 -36.40
CL RDS F . 8.23 2.45 -35.99
C13 RDS F . 8.35 4.18 -35.52
C12 RDS F . 9.56 4.85 -35.66
C8 RDS F . 9.65 6.20 -35.29
C9 RDS F . 8.53 6.85 -34.81
C10 RDS F . 7.32 6.18 -34.67
C11 RDS F . 7.23 4.84 -35.03
S RDS F . 11.13 7.03 -35.46
C7 RDS F . 12.24 6.20 -34.49
N1 RDS F . 13.53 6.62 -34.42
C2 RDS F . 14.44 5.97 -33.65
C1 RDS F . 14.03 4.85 -32.93
C RDS F . 12.71 4.43 -33.01
N RDS F . 12.31 3.34 -32.32
N2 RDS F . 11.84 5.10 -33.79
O RDS F . 15.73 6.42 -33.59
C3 RDS F . 16.82 5.64 -33.06
C4 RDS F . 16.75 4.20 -33.59
C5 RDS F . 16.81 5.70 -31.53
C6 RDS F . 17.71 4.64 -30.92
S SO4 G . -5.36 3.68 -23.68
O1 SO4 G . -4.68 2.89 -22.64
O2 SO4 G . -4.38 4.59 -24.32
O3 SO4 G . -5.96 2.71 -24.65
O4 SO4 G . -6.44 4.49 -23.05
CL RDS H . -14.29 1.97 -1.00
C13 RDS H . -14.98 0.50 -1.77
C12 RDS H . -16.33 0.15 -1.55
C8 RDS H . -16.85 -1.00 -2.16
C9 RDS H . -16.04 -1.77 -2.99
C10 RDS H . -14.71 -1.41 -3.20
C11 RDS H . -14.19 -0.28 -2.58
S RDS H . -18.47 -1.50 -1.96
C7 RDS H . -19.29 -0.47 -0.88
N1 RDS H . -18.66 0.18 0.13
C2 RDS H . -19.35 0.99 0.98
C1 RDS H . -20.72 1.13 0.82
C RDS H . -21.36 0.44 -0.20
N RDS H . -22.70 0.55 -0.36
N2 RDS H . -20.64 -0.35 -1.01
O RDS H . -18.71 1.67 1.99
C3 RDS H . -19.09 1.50 3.36
C4 RDS H . -19.83 0.16 3.55
C5 RDS H . -19.96 2.67 3.82
C6 RDS H . -20.06 2.72 5.33
PA FAD I . 18.80 -3.12 19.00
O1A FAD I . 17.77 -4.08 19.56
O2A FAD I . 18.80 -2.83 17.52
O5B FAD I . 20.29 -3.57 19.40
C5B FAD I . 20.51 -4.73 20.17
C4B FAD I . 21.94 -5.22 20.04
O4B FAD I . 22.73 -4.86 21.18
C3B FAD I . 21.98 -6.74 19.96
O3B FAD I . 22.60 -7.18 18.74
C2B FAD I . 22.72 -7.22 21.19
O2B FAD I . 23.56 -8.35 20.95
C1B FAD I . 23.52 -5.99 21.60
N9A FAD I . 23.86 -6.01 23.05
C8A FAD I . 23.06 -6.35 24.08
N7A FAD I . 23.73 -6.28 25.25
C5A FAD I . 24.99 -5.90 24.99
C6A FAD I . 26.22 -5.62 25.78
N6A FAD I . 26.24 -5.75 27.12
N1A FAD I . 27.32 -5.23 25.11
C2A FAD I . 27.33 -5.10 23.77
N3A FAD I . 26.25 -5.34 23.01
C4A FAD I . 25.07 -5.72 23.53
N1 FAD I . 10.48 -2.56 15.15
C2 FAD I . 9.86 -2.04 14.05
O2 FAD I . 10.01 -0.83 13.78
N3 FAD I . 9.08 -2.79 13.24
C4 FAD I . 8.87 -4.10 13.48
O4 FAD I . 8.13 -4.78 12.73
C4X FAD I . 9.50 -4.73 14.67
N5 FAD I . 9.32 -6.03 14.95
C5X FAD I . 9.89 -6.61 16.03
C6 FAD I . 9.64 -7.96 16.25
C7 FAD I . 10.20 -8.62 17.33
C7M FAD I . 9.90 -10.09 17.51
C8 FAD I . 11.08 -7.86 18.26
C8M FAD I . 11.70 -8.56 19.44
C9 FAD I . 11.33 -6.50 18.04
C9A FAD I . 10.77 -5.83 16.95
N10 FAD I . 10.99 -4.44 16.66
C10 FAD I . 10.35 -3.87 15.52
C1' FAD I . 11.81 -3.58 17.52
C2' FAD I . 13.30 -3.56 17.15
O2' FAD I . 13.80 -4.89 17.08
C3' FAD I . 14.11 -2.75 18.16
O3' FAD I . 13.24 -1.83 18.84
C4' FAD I . 15.25 -1.93 17.53
O4' FAD I . 16.19 -2.81 16.91
C5' FAD I . 15.94 -1.06 18.60
O5' FAD I . 17.20 -0.58 18.16
P FAD I . 18.41 -0.34 19.20
O1P FAD I . 19.66 0.04 18.42
O2P FAD I . 17.96 0.51 20.36
O3P FAD I . 18.65 -1.78 19.86
CL RDS J . 15.13 -3.24 11.10
C13 RDS J . 16.62 -3.32 10.12
C12 RDS J . 16.56 -3.88 8.84
C8 RDS J . 17.71 -3.96 8.07
C9 RDS J . 18.92 -3.47 8.56
C10 RDS J . 18.97 -2.92 9.84
C11 RDS J . 17.82 -2.84 10.62
S RDS J . 17.62 -4.62 6.53
C7 RDS J . 16.62 -3.49 5.75
N1 RDS J . 17.07 -2.23 5.56
C2 RDS J . 16.31 -1.30 4.97
C1 RDS J . 15.03 -1.65 4.54
C RDS J . 14.57 -2.94 4.75
N RDS J . 13.32 -3.29 4.35
N2 RDS J . 15.37 -3.84 5.36
O RDS J . 16.79 -0.03 4.76
C3 RDS J . 16.64 0.99 5.77
C4 RDS J . 16.69 0.38 7.17
C5 RDS J . 15.33 1.75 5.54
C6 RDS J . 15.22 2.95 6.46
CL RDS K . -0.41 -2.53 27.16
C13 RDS K . -0.68 -4.15 27.89
C12 RDS K . 0.32 -5.11 27.85
C8 RDS K . 0.09 -6.36 28.42
C9 RDS K . -1.14 -6.64 29.03
C10 RDS K . -2.13 -5.68 29.05
C11 RDS K . -1.91 -4.43 28.49
S RDS K . 1.31 -7.53 28.39
C7 RDS K . 0.85 -8.58 29.63
N1 RDS K . 1.26 -8.34 30.90
C2 RDS K . 0.90 -9.16 31.91
C1 RDS K . 0.07 -10.25 31.64
C RDS K . -0.35 -10.46 30.34
N RDS K . -1.15 -11.52 30.04
N2 RDS K . 0.05 -9.64 29.35
O RDS K . 1.34 -8.89 33.19
C3 RDS K . 1.82 -9.94 34.05
C4 RDS K . 1.60 -9.53 35.50
C5 RDS K . 3.28 -10.20 33.77
C6 RDS K . 3.45 -11.13 32.59
CL RDS L . -8.61 -10.22 34.65
C13 RDS L . -8.33 -8.45 34.70
C12 RDS L . -9.36 -7.59 35.10
C8 RDS L . -9.13 -6.22 35.13
C9 RDS L . -7.88 -5.70 34.77
C10 RDS L . -6.87 -6.57 34.38
C11 RDS L . -7.09 -7.94 34.34
S RDS L . -10.36 -5.15 35.63
C7 RDS L . -11.64 -5.32 34.52
N1 RDS L . -12.68 -4.45 34.57
C2 RDS L . -13.72 -4.56 33.70
C1 RDS L . -13.69 -5.56 32.74
C RDS L . -12.63 -6.44 32.70
N RDS L . -12.60 -7.42 31.78
N2 RDS L . -11.62 -6.31 33.59
O RDS L . -14.76 -3.66 33.76
C3 RDS L . -16.14 -4.10 33.72
C4 RDS L . -16.27 -5.55 34.18
C5 RDS L . -16.68 -3.91 32.31
C6 RDS L . -16.68 -2.45 31.91
#